data_1Y64
#
_entry.id   1Y64
#
_cell.length_a   231.997
_cell.length_b   56.229
_cell.length_c   100.945
_cell.angle_alpha   90.00
_cell.angle_beta   107.70
_cell.angle_gamma   90.00
#
_symmetry.space_group_name_H-M   'C 1 2 1'
#
loop_
_entity.id
_entity.type
_entity.pdbx_description
1 polymer 'Actin, alpha skeletal muscle'
2 polymer 'BNI1 protein'
3 non-polymer 'CALCIUM ION'
4 non-polymer "ADENOSINE-5'-TRIPHOSPHATE"
#
loop_
_entity_poly.entity_id
_entity_poly.type
_entity_poly.pdbx_seq_one_letter_code
_entity_poly.pdbx_strand_id
1 'polypeptide(L)'
;DEDETTALVCDNGSGLVKAGFAGDDAPRAVFPSIVGRPRHQGVMVGMGQKDSYVGDEAQSKRGILTLKYPIE(HIC)GII
TNWDDMEKIWHHTFYNELRVAPEEHPTLLTEAPLNPKANREKMTQIMFETFNVPAMYVAIQAVLSLYASGRTTGIVLDSG
DGVTHNVPIYEGYALPHAIMRLDLAGRDLTDYLMKILTERGYSFVTTAEREIVRDIKEKLCYVALDFENEMATAASSSSL
EKSYELPDGQVITIGNERFRCPETLFQPSFIGMESAGIHETTYNSIMKCDIDIRKDLYANNVMSGGTTMYPGIADRMQKE
ITALAPSTMKIKIIAPPERKYSVWIGGSILASLSTFQQMWITKQEYDEAGPSIVHRKCF
;
A
2 'polypeptide(L)'
;MPASQIKSAVTSPLLPQSPSLFEKYPRPHKKLKQLHWEKLDCTDNSIWGTGKAEKFADDLYEKGVLADLEKAFAAREIKS
LASKRKEDLQKITFLSRDISQQFGINLHMYSSLSVADLVKKILNCDRDFLQTPSVVEFLSKSEIIEVSVNLARNYAPYST
DWEGVRNLEDAKPPEKDPNDLQRADQIYLQLMVNLESYWGSRMRALTVVTSYEREYNELLAKLRKVDKAVSALQESDNLR
NVFNVILAVGNFMNDTSKQAQGFKLSTLQRLTFIKDTTNSMTFLNYVEKIVRLNYPSFNDFLSELEPVLDVVKVSIEQLV
NDCKDFSQSIVNVERSVEIGNLSDSSKFHPLDKVLIKTLPVLPEARKKGDLLEDEVKLTIMEFESLMHTYGEDSGDKFAK
ISFFKKFADFINEYKKAQAQNLAAEEEERLYIKHKKIVEEQQK
;
B
#
loop_
_chem_comp.id
_chem_comp.type
_chem_comp.name
_chem_comp.formula
ATP non-polymer ADENOSINE-5'-TRIPHOSPHATE 'C10 H16 N5 O13 P3'
CA non-polymer 'CALCIUM ION' 'Ca 2'
#
# COMPACT_ATOMS: atom_id res chain seq x y z
N GLU A 4 -23.72 7.51 26.02
CA GLU A 4 -23.25 8.12 24.79
C GLU A 4 -21.77 8.07 24.71
N THR A 5 -21.26 8.02 23.51
CA THR A 5 -19.85 7.83 23.43
C THR A 5 -19.23 8.30 22.13
N THR A 6 -17.91 8.59 22.19
CA THR A 6 -17.15 9.15 21.05
C THR A 6 -15.62 8.95 21.21
N ALA A 7 -14.86 9.09 20.13
CA ALA A 7 -13.40 8.93 20.21
C ALA A 7 -12.65 9.58 19.06
N LEU A 8 -11.73 10.51 19.38
CA LEU A 8 -10.96 11.16 18.31
C LEU A 8 -9.70 10.39 17.89
N VAL A 9 -9.27 10.66 16.67
CA VAL A 9 -8.13 10.02 16.04
C VAL A 9 -7.24 11.10 15.43
N CYS A 10 -6.02 11.26 15.95
CA CYS A 10 -5.09 12.28 15.46
C CYS A 10 -3.77 11.73 14.91
N ASP A 11 -3.62 11.80 13.59
CA ASP A 11 -2.42 11.31 12.88
C ASP A 11 -1.42 12.43 12.69
N ASN A 12 -0.43 12.53 13.59
CA ASN A 12 0.56 13.59 13.49
C ASN A 12 1.63 13.34 12.47
N GLY A 13 1.81 14.32 11.60
CA GLY A 13 2.82 14.17 10.56
C GLY A 13 3.77 15.32 10.36
N SER A 14 4.82 15.09 9.60
CA SER A 14 5.82 16.11 9.35
C SER A 14 5.11 17.32 8.75
N GLY A 15 4.57 17.16 7.54
CA GLY A 15 3.89 18.24 6.85
C GLY A 15 2.44 18.54 7.18
N LEU A 16 1.58 17.53 7.30
CA LEU A 16 0.18 17.84 7.61
C LEU A 16 -0.48 17.10 8.72
N VAL A 17 -0.88 17.82 9.74
CA VAL A 17 -1.60 17.17 10.82
C VAL A 17 -2.85 16.71 10.09
N LYS A 18 -3.58 15.75 10.66
CA LYS A 18 -4.77 15.26 9.99
C LYS A 18 -5.68 14.63 11.01
N ALA A 19 -6.60 15.36 11.62
CA ALA A 19 -7.41 14.62 12.58
C ALA A 19 -8.85 14.98 12.89
N GLY A 20 -9.60 13.93 13.23
CA GLY A 20 -11.00 14.05 13.56
C GLY A 20 -11.47 12.99 14.53
N PHE A 21 -12.68 12.50 14.29
CA PHE A 21 -13.33 11.51 15.16
C PHE A 21 -13.28 10.08 14.71
N ALA A 22 -13.84 9.23 15.58
CA ALA A 22 -13.95 7.79 15.40
C ALA A 22 -14.85 7.47 14.22
N GLY A 23 -15.24 6.21 14.07
CA GLY A 23 -16.10 5.79 12.98
C GLY A 23 -16.51 6.91 12.04
N ASP A 24 -15.56 7.36 11.23
CA ASP A 24 -15.78 8.44 10.26
C ASP A 24 -15.23 8.00 8.89
N ASP A 25 -15.45 8.82 7.88
CA ASP A 25 -14.99 8.52 6.53
C ASP A 25 -13.57 9.06 6.35
N ALA A 26 -13.25 10.11 7.11
CA ALA A 26 -11.95 10.76 7.06
C ALA A 26 -11.93 11.84 8.16
N PRO A 27 -10.82 12.58 8.31
CA PRO A 27 -10.68 13.63 9.33
C PRO A 27 -11.56 14.84 9.10
N ARG A 28 -12.32 15.22 10.13
CA ARG A 28 -13.20 16.37 10.05
C ARG A 28 -12.38 17.64 10.31
N ALA A 29 -11.09 17.56 9.97
CA ALA A 29 -10.12 18.65 10.14
C ALA A 29 -8.71 18.24 9.65
N VAL A 30 -8.00 19.19 9.04
CA VAL A 30 -6.65 18.96 8.51
C VAL A 30 -5.88 20.27 8.26
N PHE A 31 -4.60 20.29 8.60
CA PHE A 31 -3.75 21.46 8.41
C PHE A 31 -2.26 21.15 8.46
N PRO A 32 -1.41 22.17 8.29
CA PRO A 32 -0.01 21.75 8.36
C PRO A 32 0.66 21.93 9.72
N SER A 33 1.58 21.01 10.00
CA SER A 33 2.38 21.00 11.22
C SER A 33 3.30 22.21 11.09
N ILE A 34 2.86 23.32 11.65
CA ILE A 34 3.62 24.56 11.58
C ILE A 34 3.28 25.45 12.78
N VAL A 35 4.27 26.07 13.39
CA VAL A 35 3.97 26.94 14.53
C VAL A 35 4.60 28.31 14.43
N GLY A 36 3.80 29.32 14.79
CA GLY A 36 4.22 30.71 14.73
C GLY A 36 4.55 31.41 16.05
N ARG A 37 5.82 31.77 16.18
CA ARG A 37 6.32 32.46 17.35
C ARG A 37 7.21 33.62 16.84
N PRO A 38 7.10 34.81 17.44
CA PRO A 38 7.83 36.08 17.16
C PRO A 38 9.37 36.13 17.28
N ARG A 39 10.00 37.05 16.55
CA ARG A 39 11.47 37.21 16.55
C ARG A 39 12.05 37.43 17.95
N SER A 52 1.74 32.86 20.32
CA SER A 52 1.82 31.66 19.50
C SER A 52 0.63 31.56 18.55
N TYR A 53 0.91 31.36 17.26
CA TYR A 53 -0.12 31.25 16.23
C TYR A 53 0.24 30.11 15.25
N VAL A 54 -0.42 28.98 15.48
CA VAL A 54 -0.23 27.70 14.79
C VAL A 54 -1.19 27.39 13.64
N GLY A 55 -0.91 26.32 12.92
CA GLY A 55 -1.79 25.88 11.85
C GLY A 55 -1.79 26.55 10.49
N ASP A 56 -2.97 26.99 10.06
CA ASP A 56 -3.08 27.64 8.76
C ASP A 56 -2.91 29.14 8.82
N GLU A 57 -3.50 29.78 9.83
CA GLU A 57 -3.31 31.22 9.95
C GLU A 57 -1.90 31.37 10.50
N ALA A 58 -0.94 30.88 9.73
CA ALA A 58 0.45 30.92 10.14
C ALA A 58 1.33 31.21 8.96
N GLN A 59 0.73 31.41 7.79
CA GLN A 59 1.44 31.77 6.56
C GLN A 59 1.20 33.25 6.52
N SER A 60 -0.09 33.55 6.66
CA SER A 60 -0.62 34.89 6.69
C SER A 60 -0.27 35.39 8.09
N LYS A 61 1.02 35.33 8.39
CA LYS A 61 1.58 35.76 9.68
C LYS A 61 3.09 35.44 9.64
N ARG A 62 3.65 35.46 8.44
CA ARG A 62 5.07 35.20 8.20
C ARG A 62 5.89 36.48 8.39
N GLY A 63 7.17 36.34 8.75
CA GLY A 63 8.04 37.47 8.96
C GLY A 63 8.21 37.78 10.43
N ILE A 64 7.12 38.18 11.08
CA ILE A 64 7.13 38.49 12.50
C ILE A 64 7.44 37.20 13.26
N LEU A 65 6.53 36.23 13.16
CA LEU A 65 6.71 34.94 13.81
C LEU A 65 7.60 34.06 12.95
N THR A 66 8.71 33.55 13.49
CA THR A 66 9.56 32.65 12.70
C THR A 66 8.79 31.33 12.72
N LEU A 67 8.95 30.53 11.68
CA LEU A 67 8.16 29.30 11.63
C LEU A 67 8.80 27.96 11.92
N LYS A 68 8.11 27.20 12.74
CA LYS A 68 8.58 25.88 13.15
C LYS A 68 7.76 24.74 12.59
N TYR A 69 8.38 23.57 12.61
CA TYR A 69 7.81 22.33 12.12
C TYR A 69 8.01 21.30 13.22
N PRO A 70 7.23 21.37 14.31
CA PRO A 70 7.40 20.38 15.38
C PRO A 70 7.80 18.96 14.99
N ILE A 71 7.50 18.54 13.76
CA ILE A 71 7.89 17.20 13.33
C ILE A 71 8.86 17.24 12.17
N GLU A 72 9.96 16.51 12.28
CA GLU A 72 10.93 16.40 11.20
C GLU A 72 10.90 14.92 10.86
N HIC A 73 10.89 14.60 9.58
CA HIC A 73 10.88 13.21 9.14
C HIC A 73 10.02 12.19 9.93
O HIC A 73 10.44 11.05 10.10
CB HIC A 73 12.33 12.71 9.06
CG HIC A 73 13.22 13.49 8.14
ND1 HIC A 73 13.18 14.87 8.02
CD2 HIC A 73 14.26 13.08 7.36
CE1 HIC A 73 14.16 15.26 7.22
NE2 HIC A 73 14.83 14.20 6.80
CZ HIC A 73 15.78 14.44 5.73
N GLY A 74 8.84 12.56 10.40
CA GLY A 74 8.02 11.60 11.14
C GLY A 74 8.13 11.75 12.64
N ILE A 75 9.35 12.01 13.11
CA ILE A 75 9.62 12.14 14.54
C ILE A 75 9.53 13.56 15.09
N ILE A 76 8.79 13.72 16.19
CA ILE A 76 8.64 15.02 16.84
C ILE A 76 10.00 15.51 17.38
N THR A 77 10.29 16.78 17.18
CA THR A 77 11.56 17.36 17.58
C THR A 77 11.46 18.59 18.48
N ASN A 78 10.28 19.16 18.57
CA ASN A 78 10.09 20.36 19.36
C ASN A 78 8.86 20.07 20.16
N TRP A 79 8.99 19.90 21.46
CA TRP A 79 7.80 19.58 22.22
C TRP A 79 7.01 20.79 22.70
N ASP A 80 7.66 21.94 22.78
CA ASP A 80 6.97 23.15 23.22
C ASP A 80 5.88 23.33 22.19
N ASP A 81 6.33 23.43 20.93
CA ASP A 81 5.46 23.61 19.80
C ASP A 81 4.52 22.43 19.57
N MET A 82 5.05 21.22 19.43
CA MET A 82 4.18 20.05 19.23
C MET A 82 2.96 20.16 20.13
N GLU A 83 3.19 20.45 21.40
CA GLU A 83 2.12 20.60 22.36
C GLU A 83 1.12 21.62 21.84
N LYS A 84 1.64 22.67 21.22
CA LYS A 84 0.81 23.74 20.66
C LYS A 84 -0.20 23.18 19.69
N ILE A 85 0.32 22.44 18.71
CA ILE A 85 -0.51 21.83 17.71
C ILE A 85 -1.61 21.01 18.40
N TRP A 86 -1.25 19.92 19.09
CA TRP A 86 -2.27 19.13 19.75
C TRP A 86 -3.25 20.04 20.42
N HIS A 87 -2.76 21.12 21.03
CA HIS A 87 -3.75 21.98 21.65
C HIS A 87 -4.65 22.47 20.53
N HIS A 88 -4.11 23.31 19.65
CA HIS A 88 -4.88 23.85 18.54
C HIS A 88 -5.86 22.78 18.12
N THR A 89 -5.34 21.74 17.47
CA THR A 89 -6.14 20.61 16.97
C THR A 89 -7.49 20.39 17.66
N PHE A 90 -7.47 20.20 18.97
CA PHE A 90 -8.69 20.00 19.72
C PHE A 90 -9.56 21.25 19.65
N TYR A 91 -9.46 22.03 20.71
CA TYR A 91 -10.20 23.26 20.88
C TYR A 91 -10.52 24.08 19.62
N ASN A 92 -9.67 24.02 18.61
CA ASN A 92 -9.94 24.75 17.38
C ASN A 92 -10.67 23.92 16.34
N GLU A 93 -9.90 23.21 15.51
CA GLU A 93 -10.44 22.39 14.43
C GLU A 93 -11.14 21.11 14.90
N LEU A 94 -11.72 21.13 16.09
CA LEU A 94 -12.44 19.97 16.60
C LEU A 94 -13.45 20.48 17.59
N ARG A 95 -13.10 21.55 18.29
CA ARG A 95 -13.96 22.17 19.28
C ARG A 95 -14.22 21.21 20.44
N VAL A 96 -13.59 20.04 20.44
CA VAL A 96 -13.80 19.15 21.57
C VAL A 96 -12.74 19.52 22.58
N ALA A 97 -13.04 19.33 23.85
CA ALA A 97 -12.08 19.66 24.89
C ALA A 97 -11.71 18.40 25.67
N PRO A 98 -10.61 17.75 25.29
CA PRO A 98 -10.09 16.52 25.91
C PRO A 98 -11.03 15.83 26.91
N GLU A 99 -10.50 15.45 28.07
CA GLU A 99 -11.27 14.80 29.11
C GLU A 99 -12.37 13.86 28.62
N GLU A 100 -13.44 14.43 28.08
CA GLU A 100 -14.54 13.62 27.55
C GLU A 100 -14.15 12.81 26.33
N HIS A 101 -12.84 12.65 26.08
CA HIS A 101 -12.43 11.91 24.90
C HIS A 101 -11.16 11.06 24.86
N PRO A 102 -11.31 9.78 24.46
CA PRO A 102 -10.17 8.88 24.35
C PRO A 102 -9.52 9.24 23.00
N THR A 103 -8.19 9.29 22.97
CA THR A 103 -7.50 9.72 21.76
C THR A 103 -6.52 8.77 21.11
N LEU A 104 -6.60 8.64 19.79
CA LEU A 104 -5.67 7.79 19.09
C LEU A 104 -4.59 8.65 18.48
N LEU A 105 -3.35 8.50 18.94
CA LEU A 105 -2.25 9.26 18.36
C LEU A 105 -1.48 8.29 17.50
N THR A 106 -0.71 8.82 16.58
CA THR A 106 0.10 8.01 15.69
C THR A 106 1.60 8.33 15.90
N GLU A 107 2.50 7.49 15.39
CA GLU A 107 3.92 7.67 15.57
C GLU A 107 4.63 6.91 14.45
N ALA A 108 5.80 7.41 14.03
CA ALA A 108 6.56 6.76 12.97
C ALA A 108 7.11 5.39 13.31
N PRO A 109 7.39 4.59 12.28
CA PRO A 109 7.95 3.28 12.60
C PRO A 109 9.25 3.61 13.31
N LEU A 110 9.58 2.85 14.35
CA LEU A 110 10.81 3.09 15.07
C LEU A 110 10.80 4.38 15.90
N ASN A 111 9.62 4.90 16.32
CA ASN A 111 9.61 6.11 17.15
C ASN A 111 10.27 5.67 18.46
N PRO A 112 11.41 6.29 18.80
CA PRO A 112 12.25 6.08 19.99
C PRO A 112 11.40 6.11 21.25
N LYS A 113 11.47 5.06 22.05
CA LYS A 113 10.68 4.98 23.28
C LYS A 113 10.57 6.32 24.00
N ALA A 114 11.70 7.01 24.10
CA ALA A 114 11.77 8.30 24.76
C ALA A 114 10.52 9.15 24.50
N ASN A 115 10.25 9.41 23.22
CA ASN A 115 9.13 10.21 22.77
C ASN A 115 7.75 9.56 22.97
N ARG A 116 7.63 8.24 22.87
CA ARG A 116 6.30 7.66 23.08
C ARG A 116 5.89 8.06 24.52
N GLU A 117 6.88 8.25 25.39
CA GLU A 117 6.63 8.66 26.79
C GLU A 117 6.33 10.15 26.82
N LYS A 118 7.26 10.94 26.30
CA LYS A 118 7.13 12.39 26.23
C LYS A 118 5.85 12.74 25.49
N MET A 119 5.45 11.86 24.57
CA MET A 119 4.22 12.04 23.80
C MET A 119 3.09 11.91 24.79
N THR A 120 2.84 10.68 25.16
CA THR A 120 1.78 10.41 26.10
C THR A 120 1.77 11.41 27.28
N GLN A 121 2.85 11.52 28.07
CA GLN A 121 2.89 12.48 29.21
C GLN A 121 2.09 13.74 28.88
N ILE A 122 2.52 14.40 27.80
CA ILE A 122 1.91 15.61 27.28
C ILE A 122 0.39 15.53 27.31
N MET A 123 -0.14 14.40 26.84
CA MET A 123 -1.58 14.19 26.84
C MET A 123 -2.08 14.19 28.27
N PHE A 124 -2.07 13.00 28.90
CA PHE A 124 -2.52 12.81 30.28
C PHE A 124 -2.31 14.00 31.22
N GLU A 125 -1.12 14.57 31.19
CA GLU A 125 -0.76 15.71 32.02
C GLU A 125 -1.43 17.01 31.60
N THR A 126 -1.27 17.34 30.31
CA THR A 126 -1.79 18.55 29.70
C THR A 126 -3.26 18.60 29.26
N PHE A 127 -3.87 17.45 29.00
CA PHE A 127 -5.28 17.40 28.61
C PHE A 127 -5.75 16.17 29.38
N ASN A 128 -6.65 16.35 30.34
CA ASN A 128 -7.13 15.22 31.13
C ASN A 128 -7.68 14.11 30.23
N VAL A 129 -6.88 13.66 29.26
CA VAL A 129 -7.30 12.60 28.36
C VAL A 129 -7.43 11.33 29.18
N PRO A 130 -8.65 10.78 29.25
CA PRO A 130 -9.10 9.57 29.95
C PRO A 130 -8.35 8.34 29.49
N ALA A 131 -8.15 8.24 28.18
CA ALA A 131 -7.42 7.11 27.60
C ALA A 131 -6.84 7.49 26.25
N MET A 132 -5.86 6.72 25.82
CA MET A 132 -5.17 6.96 24.57
C MET A 132 -4.19 5.84 24.26
N TYR A 133 -4.03 5.55 22.97
CA TYR A 133 -3.10 4.55 22.50
C TYR A 133 -2.30 5.18 21.38
N VAL A 134 -1.06 4.75 21.25
CA VAL A 134 -0.21 5.30 20.23
C VAL A 134 0.13 4.23 19.20
N ALA A 135 -0.44 4.42 18.00
CA ALA A 135 -0.31 3.49 16.86
C ALA A 135 0.79 3.78 15.86
N ILE A 136 1.40 2.72 15.33
CA ILE A 136 2.47 2.87 14.32
C ILE A 136 1.83 3.34 13.02
N GLN A 137 2.48 4.26 12.34
CA GLN A 137 1.93 4.82 11.10
C GLN A 137 1.69 3.83 9.96
N ALA A 138 2.69 3.04 9.54
CA ALA A 138 2.43 2.04 8.50
C ALA A 138 1.31 1.26 9.23
N VAL A 139 1.39 -0.07 9.40
CA VAL A 139 0.32 -0.78 10.14
C VAL A 139 -1.13 -0.18 10.03
N LEU A 140 -1.44 0.92 10.73
CA LEU A 140 -2.78 1.54 10.68
C LEU A 140 -3.21 1.74 9.22
N SER A 141 -2.22 2.06 8.39
CA SER A 141 -2.37 2.26 6.96
C SER A 141 -2.98 0.97 6.41
N LEU A 142 -2.15 -0.08 6.40
CA LEU A 142 -2.55 -1.38 5.93
C LEU A 142 -3.85 -1.90 6.59
N TYR A 143 -4.32 -1.31 7.68
CA TYR A 143 -5.56 -1.84 8.23
C TYR A 143 -6.74 -1.56 7.33
N ALA A 144 -6.82 -0.35 6.79
CA ALA A 144 -7.91 -0.04 5.85
C ALA A 144 -7.32 -0.31 4.47
N SER A 145 -7.41 -1.58 4.11
CA SER A 145 -6.95 -2.14 2.86
C SER A 145 -7.39 -3.56 3.16
N GLY A 146 -8.06 -3.68 4.31
CA GLY A 146 -8.57 -4.95 4.76
C GLY A 146 -7.51 -5.84 5.37
N ARG A 147 -6.41 -6.05 4.64
CA ARG A 147 -5.38 -6.92 5.16
C ARG A 147 -4.84 -6.56 6.52
N THR A 148 -4.00 -7.45 7.01
CA THR A 148 -3.36 -7.32 8.27
C THR A 148 -2.11 -8.14 8.08
N THR A 149 -1.33 -7.70 7.08
CA THR A 149 -0.08 -8.32 6.69
C THR A 149 0.42 -7.79 5.37
N GLY A 150 1.74 -7.84 5.22
CA GLY A 150 2.37 -7.40 4.00
C GLY A 150 2.82 -5.95 3.97
N ILE A 151 3.95 -5.76 3.32
CA ILE A 151 4.64 -4.49 3.14
C ILE A 151 3.89 -3.21 2.73
N VAL A 152 4.08 -2.16 3.52
CA VAL A 152 3.46 -0.87 3.26
C VAL A 152 4.50 0.13 2.80
N LEU A 153 4.01 1.19 2.17
CA LEU A 153 4.86 2.27 1.72
C LEU A 153 4.16 3.54 2.15
N ASP A 154 4.36 3.95 3.40
CA ASP A 154 3.77 5.20 3.89
C ASP A 154 4.78 6.09 3.22
N SER A 155 4.37 7.28 2.80
CA SER A 155 5.31 8.17 2.14
C SER A 155 4.83 9.60 1.96
N GLY A 156 4.23 10.15 3.00
CA GLY A 156 3.75 11.52 2.90
C GLY A 156 4.82 12.57 2.64
N ASP A 157 4.81 13.67 3.37
CA ASP A 157 5.79 14.73 3.13
C ASP A 157 7.26 14.55 3.60
N GLY A 158 7.49 14.66 4.92
CA GLY A 158 8.84 14.55 5.45
C GLY A 158 9.64 13.27 5.27
N VAL A 159 9.03 12.13 5.52
CA VAL A 159 9.73 10.86 5.38
C VAL A 159 8.90 9.79 4.67
N THR A 160 9.62 8.79 4.16
CA THR A 160 9.04 7.68 3.42
C THR A 160 9.63 6.37 3.97
N HIS A 161 8.78 5.57 4.61
CA HIS A 161 9.21 4.30 5.18
C HIS A 161 8.66 3.12 4.44
N ASN A 162 9.41 2.03 4.50
CA ASN A 162 9.05 0.80 3.88
C ASN A 162 8.87 -0.15 5.06
N VAL A 163 7.63 -0.51 5.37
CA VAL A 163 7.34 -1.37 6.53
C VAL A 163 6.73 -2.77 6.35
N PRO A 164 7.54 -3.81 6.50
CA PRO A 164 7.05 -5.20 6.36
C PRO A 164 6.04 -5.48 7.48
N ILE A 165 4.85 -5.98 7.18
CA ILE A 165 3.89 -6.28 8.26
C ILE A 165 3.44 -7.74 8.23
N TYR A 166 2.66 -8.15 9.23
CA TYR A 166 2.22 -9.55 9.34
C TYR A 166 1.33 -9.79 10.56
N GLU A 167 0.03 -9.60 10.38
CA GLU A 167 -0.91 -9.76 11.48
C GLU A 167 -0.53 -8.61 12.38
N GLY A 168 -0.90 -7.41 11.94
CA GLY A 168 -0.60 -6.19 12.67
C GLY A 168 0.80 -6.08 13.27
N TYR A 169 1.66 -7.05 13.03
CA TYR A 169 3.02 -7.04 13.60
C TYR A 169 4.15 -6.68 12.64
N ALA A 170 4.62 -5.44 12.73
CA ALA A 170 5.72 -4.99 11.88
C ALA A 170 7.03 -5.72 12.21
N LEU A 171 7.93 -5.79 11.24
CA LEU A 171 9.22 -6.47 11.43
C LEU A 171 10.36 -5.46 11.59
N PRO A 172 10.65 -5.09 12.85
CA PRO A 172 11.68 -4.13 13.28
C PRO A 172 12.99 -4.10 12.53
N HIS A 173 13.56 -5.27 12.22
CA HIS A 173 14.83 -5.31 11.52
C HIS A 173 14.72 -5.15 10.01
N ALA A 174 13.50 -5.24 9.49
CA ALA A 174 13.31 -5.11 8.04
C ALA A 174 12.53 -3.88 7.58
N ILE A 175 12.48 -2.84 8.41
CA ILE A 175 11.79 -1.61 8.00
C ILE A 175 12.79 -0.73 7.30
N MET A 176 12.37 -0.15 6.18
CA MET A 176 13.27 0.73 5.46
C MET A 176 12.83 2.13 5.77
N ARG A 177 13.79 2.98 6.11
CA ARG A 177 13.49 4.37 6.35
C ARG A 177 14.36 5.04 5.32
N LEU A 178 13.74 5.92 4.55
CA LEU A 178 14.39 6.69 3.51
C LEU A 178 14.01 8.14 3.81
N ASP A 179 14.93 9.07 3.65
CA ASP A 179 14.60 10.46 3.97
C ASP A 179 14.19 11.38 2.82
N LEU A 180 13.55 10.79 1.80
CA LEU A 180 13.07 11.56 0.64
C LEU A 180 11.54 11.52 0.56
N ALA A 181 10.91 12.66 0.31
CA ALA A 181 9.45 12.66 0.18
C ALA A 181 8.75 13.98 -0.19
N GLY A 182 7.71 14.32 0.57
CA GLY A 182 6.96 15.54 0.29
C GLY A 182 7.77 16.78 -0.07
N ARG A 183 7.90 17.72 0.88
CA ARG A 183 8.66 18.95 0.64
C ARG A 183 9.98 18.69 -0.06
N ASP A 184 10.46 17.46 0.03
CA ASP A 184 11.69 17.07 -0.66
C ASP A 184 11.47 17.31 -2.16
N LEU A 185 10.31 16.85 -2.67
CA LEU A 185 9.92 16.97 -4.09
C LEU A 185 9.40 18.34 -4.44
N THR A 186 8.46 18.82 -3.64
CA THR A 186 7.90 20.14 -3.82
C THR A 186 9.07 21.07 -4.09
N ASP A 187 10.25 20.64 -3.66
CA ASP A 187 11.51 21.37 -3.80
C ASP A 187 12.19 21.22 -5.17
N TYR A 188 12.47 19.99 -5.60
CA TYR A 188 13.11 19.82 -6.89
C TYR A 188 12.29 20.45 -8.02
N LEU A 189 10.99 20.68 -7.81
CA LEU A 189 10.14 21.30 -8.85
C LEU A 189 10.57 22.74 -8.99
N MET A 190 10.37 23.51 -7.93
CA MET A 190 10.72 24.92 -7.91
C MET A 190 12.10 25.09 -8.54
N LYS A 191 12.93 24.05 -8.37
CA LYS A 191 14.27 24.01 -8.95
C LYS A 191 14.15 24.29 -10.45
N ILE A 192 13.50 23.36 -11.15
CA ILE A 192 13.32 23.44 -12.60
C ILE A 192 12.38 24.54 -13.15
N LEU A 193 11.28 24.86 -12.47
CA LEU A 193 10.37 25.87 -13.00
C LEU A 193 11.09 27.17 -13.38
N THR A 194 12.00 27.67 -12.53
CA THR A 194 12.72 28.89 -12.90
C THR A 194 13.79 28.55 -13.96
N GLU A 195 14.22 27.29 -14.03
CA GLU A 195 15.21 26.86 -15.05
C GLU A 195 14.49 26.89 -16.39
N ARG A 196 13.26 27.38 -16.29
CA ARG A 196 12.32 27.58 -17.37
C ARG A 196 11.80 28.96 -16.98
N GLY A 197 12.72 29.83 -16.58
CA GLY A 197 12.41 31.19 -16.15
C GLY A 197 11.03 31.43 -15.55
N TYR A 198 10.92 31.35 -14.23
CA TYR A 198 9.63 31.59 -13.56
C TYR A 198 9.73 32.39 -12.26
N SER A 199 8.58 32.92 -11.84
CA SER A 199 8.44 33.74 -10.63
C SER A 199 8.55 33.01 -9.29
N PHE A 200 8.88 31.72 -9.35
CA PHE A 200 8.96 30.89 -8.15
C PHE A 200 10.32 30.72 -7.48
N VAL A 201 10.51 31.56 -6.46
CA VAL A 201 11.69 31.62 -5.60
C VAL A 201 11.14 32.06 -4.23
N THR A 202 10.44 33.18 -4.23
CA THR A 202 9.81 33.76 -3.05
C THR A 202 9.00 32.68 -2.33
N THR A 203 8.39 33.04 -1.20
CA THR A 203 7.61 32.06 -0.45
C THR A 203 6.26 31.74 -1.05
N ALA A 204 5.28 32.62 -0.87
CA ALA A 204 3.96 32.36 -1.43
C ALA A 204 4.14 31.81 -2.85
N GLU A 205 5.15 32.32 -3.55
CA GLU A 205 5.44 31.85 -4.91
C GLU A 205 6.23 30.52 -4.75
N ARG A 206 5.72 29.68 -3.84
CA ARG A 206 6.24 28.34 -3.50
C ARG A 206 5.12 27.49 -2.85
N GLU A 207 4.45 28.06 -1.86
CA GLU A 207 3.36 27.36 -1.19
C GLU A 207 2.47 26.91 -2.32
N ILE A 208 1.88 27.89 -2.99
CA ILE A 208 1.00 27.62 -4.11
C ILE A 208 1.83 27.20 -5.32
N VAL A 209 2.74 26.26 -5.10
CA VAL A 209 3.63 25.70 -6.14
C VAL A 209 4.06 24.28 -5.81
N ARG A 210 3.78 23.86 -4.58
CA ARG A 210 4.02 22.48 -4.22
C ARG A 210 2.80 22.08 -5.02
N ASP A 211 1.76 22.89 -4.79
CA ASP A 211 0.41 22.80 -5.38
C ASP A 211 0.36 22.41 -6.85
N ILE A 212 1.39 22.76 -7.60
CA ILE A 212 1.41 22.33 -8.97
C ILE A 212 1.41 20.82 -8.69
N LYS A 213 2.49 20.33 -8.08
CA LYS A 213 2.62 18.91 -7.75
C LYS A 213 1.32 18.19 -7.34
N GLU A 214 0.56 18.76 -6.41
CA GLU A 214 -0.69 18.13 -5.96
C GLU A 214 -1.83 18.10 -7.01
N LYS A 215 -2.21 19.29 -7.52
CA LYS A 215 -3.26 19.44 -8.53
C LYS A 215 -2.68 19.46 -9.95
N LEU A 216 -2.15 18.31 -10.39
CA LEU A 216 -1.51 18.05 -11.70
C LEU A 216 -0.31 17.15 -11.33
N CYS A 217 0.80 17.20 -12.06
CA CYS A 217 1.98 16.37 -11.72
C CYS A 217 1.80 14.82 -11.64
N TYR A 218 1.64 14.14 -12.79
CA TYR A 218 1.48 12.68 -12.83
C TYR A 218 2.87 11.98 -12.99
N VAL A 219 2.91 10.71 -13.40
CA VAL A 219 4.19 10.01 -13.66
C VAL A 219 3.98 8.96 -14.76
N ALA A 220 4.69 9.12 -15.87
CA ALA A 220 4.59 8.23 -17.03
C ALA A 220 4.59 6.73 -16.71
N LEU A 221 5.57 6.04 -17.28
CA LEU A 221 5.76 4.62 -17.08
C LEU A 221 7.22 4.38 -17.36
N ASP A 222 7.81 5.29 -18.15
CA ASP A 222 9.22 5.29 -18.52
C ASP A 222 9.50 6.66 -19.18
N PHE A 223 10.67 7.26 -18.89
CA PHE A 223 11.04 8.56 -19.48
C PHE A 223 11.75 8.31 -20.81
N GLU A 224 12.35 7.14 -20.93
CA GLU A 224 13.04 6.71 -22.15
C GLU A 224 11.95 6.37 -23.15
N ASN A 225 10.74 6.85 -22.89
CA ASN A 225 9.59 6.60 -23.75
C ASN A 225 8.45 7.62 -23.58
N GLU A 226 8.62 8.58 -22.67
CA GLU A 226 7.62 9.63 -22.48
C GLU A 226 8.26 11.02 -22.38
N MET A 227 9.59 11.08 -22.27
CA MET A 227 10.26 12.39 -22.23
C MET A 227 10.39 12.75 -23.70
N ALA A 228 9.95 11.81 -24.53
CA ALA A 228 9.96 11.95 -25.96
C ALA A 228 8.58 12.36 -26.47
N THR A 229 7.81 13.04 -25.60
CA THR A 229 6.47 13.51 -25.95
C THR A 229 6.32 15.00 -25.67
N ALA A 230 7.40 15.73 -25.92
CA ALA A 230 7.46 17.18 -25.73
C ALA A 230 8.88 17.61 -26.12
N ALA A 231 9.73 16.58 -26.32
CA ALA A 231 11.14 16.72 -26.73
C ALA A 231 11.16 16.04 -28.11
N SER A 232 9.95 15.74 -28.56
CA SER A 232 9.62 15.11 -29.84
C SER A 232 8.14 15.40 -30.02
N SER A 233 7.61 16.36 -29.26
CA SER A 233 6.20 16.72 -29.32
C SER A 233 5.89 18.07 -28.63
N SER A 234 4.60 18.29 -28.30
CA SER A 234 4.15 19.54 -27.67
C SER A 234 2.72 19.38 -27.06
N SER A 235 2.36 18.14 -26.75
CA SER A 235 1.03 17.76 -26.23
C SER A 235 0.83 17.56 -24.72
N LEU A 236 1.94 17.53 -23.96
CA LEU A 236 1.93 17.30 -22.51
C LEU A 236 1.82 18.55 -21.61
N GLU A 237 1.73 19.73 -22.22
CA GLU A 237 1.65 20.97 -21.45
C GLU A 237 0.35 21.02 -20.66
N LYS A 238 0.11 22.16 -20.01
CA LYS A 238 -1.09 22.42 -19.22
C LYS A 238 -0.75 23.72 -18.52
N SER A 239 -1.75 24.37 -17.94
CA SER A 239 -1.51 25.64 -17.27
C SER A 239 -2.21 25.74 -15.90
N TYR A 240 -1.86 26.78 -15.16
CA TYR A 240 -2.43 27.03 -13.84
C TYR A 240 -2.69 28.54 -13.72
N GLU A 241 -3.76 28.88 -13.01
CA GLU A 241 -4.13 30.28 -12.81
C GLU A 241 -3.59 30.71 -11.45
N LEU A 242 -2.49 31.46 -11.49
CA LEU A 242 -1.83 31.97 -10.29
C LEU A 242 -2.66 33.07 -9.64
N PRO A 243 -2.68 33.13 -8.29
CA PRO A 243 -3.44 34.14 -7.54
C PRO A 243 -3.39 35.57 -8.12
N ASP A 244 -2.34 35.81 -8.91
CA ASP A 244 -2.07 37.09 -9.58
C ASP A 244 -2.78 37.20 -10.93
N GLY A 245 -3.31 36.09 -11.42
CA GLY A 245 -3.97 36.07 -12.71
C GLY A 245 -3.04 35.46 -13.74
N GLN A 246 -1.91 36.12 -13.95
CA GLN A 246 -0.86 35.67 -14.87
C GLN A 246 -0.75 34.14 -14.86
N VAL A 247 -1.23 33.50 -15.92
CA VAL A 247 -1.22 32.03 -16.03
C VAL A 247 0.12 31.42 -16.38
N ILE A 248 0.38 30.27 -15.79
CA ILE A 248 1.62 29.54 -16.00
C ILE A 248 1.34 28.29 -16.80
N THR A 249 2.10 28.07 -17.88
CA THR A 249 1.93 26.87 -18.68
C THR A 249 3.04 25.90 -18.28
N ILE A 250 2.63 24.74 -17.81
CA ILE A 250 3.54 23.69 -17.39
C ILE A 250 3.74 22.68 -18.52
N GLY A 251 5.00 22.32 -18.77
CA GLY A 251 5.36 21.38 -19.84
C GLY A 251 5.53 19.91 -19.50
N ASN A 252 6.75 19.37 -19.63
CA ASN A 252 7.02 17.96 -19.31
C ASN A 252 7.28 17.91 -17.82
N GLU A 253 6.51 18.70 -17.11
CA GLU A 253 6.67 18.85 -15.68
C GLU A 253 5.88 17.89 -14.78
N ARG A 254 4.55 17.86 -14.92
CA ARG A 254 3.72 16.99 -14.08
C ARG A 254 4.44 15.71 -13.62
N PHE A 255 5.09 15.01 -14.55
CA PHE A 255 5.77 13.74 -14.24
C PHE A 255 7.27 13.79 -14.07
N ARG A 256 7.84 14.97 -14.20
CA ARG A 256 9.28 15.09 -14.09
C ARG A 256 9.83 14.90 -12.70
N CYS A 257 9.28 15.62 -11.73
CA CYS A 257 9.79 15.52 -10.36
C CYS A 257 9.55 14.18 -9.69
N PRO A 258 8.28 13.77 -9.47
CA PRO A 258 7.95 12.50 -8.82
C PRO A 258 8.85 11.37 -9.27
N GLU A 259 9.54 11.64 -10.36
CA GLU A 259 10.47 10.68 -10.92
C GLU A 259 11.47 10.40 -9.80
N THR A 260 11.75 11.42 -9.01
CA THR A 260 12.70 11.33 -7.91
C THR A 260 12.52 10.10 -7.02
N LEU A 261 11.29 9.77 -6.64
CA LEU A 261 11.07 8.61 -5.79
C LEU A 261 11.86 7.45 -6.39
N PHE A 262 11.51 7.14 -7.62
CA PHE A 262 12.13 6.07 -8.38
C PHE A 262 13.57 6.50 -8.68
N GLN A 263 13.69 7.77 -9.01
CA GLN A 263 14.96 8.42 -9.35
C GLN A 263 15.41 9.23 -8.14
N PRO A 264 16.18 8.62 -7.24
CA PRO A 264 16.60 9.42 -6.08
C PRO A 264 17.49 10.56 -6.56
N SER A 265 18.50 10.21 -7.37
CA SER A 265 19.48 11.14 -7.96
C SER A 265 19.10 12.61 -8.19
N PHE A 266 17.98 12.83 -8.88
CA PHE A 266 17.44 14.17 -9.26
C PHE A 266 17.80 15.38 -8.39
N ILE A 267 18.13 15.12 -7.12
CA ILE A 267 18.52 16.16 -6.16
C ILE A 267 19.76 15.64 -5.45
N GLY A 268 20.67 15.09 -6.24
CA GLY A 268 21.89 14.54 -5.69
C GLY A 268 21.59 13.21 -5.01
N MET A 269 20.52 13.17 -4.23
CA MET A 269 20.11 11.96 -3.49
C MET A 269 20.64 10.64 -4.04
N GLU A 270 21.78 10.26 -3.50
CA GLU A 270 22.48 9.04 -3.86
C GLU A 270 21.66 7.82 -3.38
N SER A 271 20.41 8.06 -3.04
CA SER A 271 19.52 7.01 -2.51
C SER A 271 19.01 5.91 -3.43
N ALA A 272 18.87 4.71 -2.86
CA ALA A 272 18.33 3.56 -3.55
C ALA A 272 16.85 3.92 -3.58
N GLY A 273 16.22 3.75 -4.74
CA GLY A 273 14.82 4.12 -4.91
C GLY A 273 13.65 3.35 -4.30
N ILE A 274 12.57 4.11 -4.09
CA ILE A 274 11.30 3.65 -3.52
C ILE A 274 10.81 2.26 -3.92
N HIS A 275 10.81 1.98 -5.21
CA HIS A 275 10.36 0.68 -5.71
C HIS A 275 11.46 -0.32 -5.39
N GLU A 276 12.70 0.11 -5.60
CA GLU A 276 13.87 -0.71 -5.32
C GLU A 276 13.86 -1.11 -3.86
N THR A 277 13.53 -0.17 -2.98
CA THR A 277 13.48 -0.48 -1.55
C THR A 277 12.39 -1.48 -1.21
N THR A 278 11.15 -1.25 -1.65
CA THR A 278 10.10 -2.22 -1.34
C THR A 278 10.75 -3.59 -1.58
N TYR A 279 11.60 -3.67 -2.62
CA TYR A 279 12.30 -4.91 -3.00
C TYR A 279 13.31 -5.38 -1.94
N ASN A 280 14.47 -4.73 -1.90
CA ASN A 280 15.49 -5.11 -0.92
C ASN A 280 14.86 -5.26 0.46
N SER A 281 14.02 -4.31 0.86
CA SER A 281 13.37 -4.39 2.18
C SER A 281 12.87 -5.77 2.47
N ILE A 282 11.92 -6.21 1.64
CA ILE A 282 11.31 -7.52 1.80
C ILE A 282 12.36 -8.60 1.89
N MET A 283 13.35 -8.53 1.01
CA MET A 283 14.41 -9.52 1.01
C MET A 283 15.13 -9.51 2.37
N LYS A 284 14.76 -8.59 3.26
CA LYS A 284 15.36 -8.50 4.59
C LYS A 284 14.66 -9.41 5.59
N CYS A 285 13.32 -9.42 5.56
CA CYS A 285 12.57 -10.28 6.45
C CYS A 285 12.47 -11.65 5.78
N ASP A 286 12.18 -12.67 6.57
CA ASP A 286 12.08 -14.05 6.11
C ASP A 286 11.38 -14.30 4.76
N ILE A 287 11.77 -15.40 4.12
CA ILE A 287 11.22 -15.81 2.83
C ILE A 287 9.77 -16.28 2.94
N ASP A 288 9.50 -17.13 3.93
CA ASP A 288 8.18 -17.70 4.18
C ASP A 288 6.94 -16.79 4.13
N ILE A 289 7.15 -15.47 4.15
CA ILE A 289 6.03 -14.53 4.13
C ILE A 289 6.01 -13.78 2.82
N ARG A 290 7.18 -13.69 2.20
CA ARG A 290 7.34 -12.95 0.96
C ARG A 290 6.21 -13.05 -0.06
N LYS A 291 5.72 -14.26 -0.38
CA LYS A 291 4.64 -14.37 -1.35
C LYS A 291 3.61 -13.28 -1.10
N ASP A 292 2.98 -13.33 0.06
CA ASP A 292 1.97 -12.37 0.46
C ASP A 292 2.51 -10.95 0.64
N LEU A 293 3.80 -10.83 0.98
CA LEU A 293 4.35 -9.48 1.12
C LEU A 293 4.07 -8.87 -0.23
N TYR A 294 4.62 -9.50 -1.27
CA TYR A 294 4.47 -9.11 -2.68
C TYR A 294 3.00 -9.04 -3.05
N ALA A 295 2.26 -10.04 -2.63
CA ALA A 295 0.83 -10.11 -2.89
C ALA A 295 0.10 -9.00 -2.16
N ASN A 296 0.80 -8.26 -1.30
CA ASN A 296 0.09 -7.23 -0.55
C ASN A 296 0.76 -5.89 -0.30
N ASN A 297 1.15 -5.22 -1.37
CA ASN A 297 1.78 -3.92 -1.27
C ASN A 297 0.81 -2.79 -1.06
N VAL A 298 0.40 -2.53 0.19
CA VAL A 298 -0.49 -1.41 0.38
C VAL A 298 0.42 -0.19 0.29
N MET A 299 -0.14 0.96 -0.05
CA MET A 299 0.65 2.16 -0.16
C MET A 299 0.01 3.24 0.71
N SER A 300 0.83 4.19 1.22
CA SER A 300 0.26 5.23 2.12
C SER A 300 0.60 6.68 1.80
N GLY A 301 -0.44 7.50 2.00
CA GLY A 301 -0.58 8.94 1.74
C GLY A 301 0.54 9.70 1.00
N GLY A 302 0.27 10.99 0.76
CA GLY A 302 1.17 11.98 0.10
C GLY A 302 1.73 11.53 -1.26
N THR A 303 3.04 11.56 -1.35
CA THR A 303 3.95 11.17 -2.44
C THR A 303 3.66 9.84 -3.19
N THR A 304 2.69 9.07 -2.73
CA THR A 304 2.32 7.80 -3.34
C THR A 304 1.06 8.01 -4.17
N MET A 305 0.31 9.06 -3.82
CA MET A 305 -0.90 9.36 -4.53
C MET A 305 -0.71 10.55 -5.49
N TYR A 306 0.13 10.37 -6.51
CA TYR A 306 0.29 11.39 -7.56
C TYR A 306 -0.40 10.56 -8.64
N PRO A 307 -1.24 11.17 -9.48
CA PRO A 307 -1.80 10.22 -10.44
C PRO A 307 -0.73 9.52 -11.28
N GLY A 308 -0.95 8.24 -11.58
CA GLY A 308 0.01 7.53 -12.41
C GLY A 308 1.19 6.85 -11.77
N ILE A 309 1.23 6.80 -10.44
CA ILE A 309 2.34 6.13 -9.76
C ILE A 309 1.86 4.75 -9.33
N ALA A 310 0.56 4.59 -9.20
CA ALA A 310 -0.04 3.31 -8.79
C ALA A 310 0.55 2.11 -9.54
N ASP A 311 0.40 2.14 -10.86
CA ASP A 311 0.85 1.11 -11.78
C ASP A 311 2.27 1.33 -12.31
N ARG A 312 2.78 2.55 -12.11
CA ARG A 312 4.13 2.93 -12.51
C ARG A 312 4.97 2.12 -11.57
N MET A 313 4.53 2.06 -10.31
CA MET A 313 5.21 1.27 -9.32
C MET A 313 5.11 -0.07 -9.99
N GLN A 314 3.99 -0.75 -9.74
CA GLN A 314 3.67 -2.07 -10.30
C GLN A 314 4.62 -2.56 -11.39
N LYS A 315 4.87 -1.71 -12.38
CA LYS A 315 5.78 -2.02 -13.50
C LYS A 315 7.17 -2.39 -13.02
N GLU A 316 7.82 -1.37 -12.45
CA GLU A 316 9.18 -1.40 -11.90
C GLU A 316 9.35 -2.57 -10.97
N ILE A 317 8.45 -2.66 -10.00
CA ILE A 317 8.49 -3.72 -9.02
C ILE A 317 8.40 -5.09 -9.71
N THR A 318 7.33 -5.33 -10.48
CA THR A 318 7.15 -6.61 -11.17
C THR A 318 8.42 -6.92 -11.97
N ALA A 319 9.12 -5.85 -12.35
CA ALA A 319 10.38 -5.91 -13.11
C ALA A 319 11.49 -6.52 -12.24
N LEU A 320 11.91 -5.79 -11.21
CA LEU A 320 12.95 -6.28 -10.30
C LEU A 320 12.54 -7.63 -9.77
N ALA A 321 11.29 -7.72 -9.30
CA ALA A 321 10.74 -8.95 -8.76
C ALA A 321 10.73 -10.08 -9.76
N PRO A 322 10.78 -11.34 -9.27
CA PRO A 322 10.79 -12.59 -10.03
C PRO A 322 9.61 -12.75 -11.01
N SER A 323 9.78 -13.64 -11.99
CA SER A 323 8.75 -13.89 -13.01
C SER A 323 7.94 -15.17 -12.75
N THR A 324 7.27 -15.19 -11.60
CA THR A 324 6.46 -16.31 -11.15
C THR A 324 5.91 -15.85 -9.80
N MET A 325 5.96 -14.54 -9.60
CA MET A 325 5.54 -13.94 -8.35
C MET A 325 4.22 -13.19 -8.42
N LYS A 326 3.33 -13.47 -7.47
CA LYS A 326 2.08 -12.72 -7.44
C LYS A 326 2.60 -11.33 -7.06
N ILE A 327 2.01 -10.25 -7.58
CA ILE A 327 2.51 -8.91 -7.27
C ILE A 327 1.46 -7.79 -7.07
N LYS A 328 0.25 -8.15 -6.67
CA LYS A 328 -0.81 -7.15 -6.48
C LYS A 328 -0.27 -5.93 -5.73
N ILE A 329 -0.40 -4.75 -6.33
CA ILE A 329 0.09 -3.52 -5.70
C ILE A 329 -1.06 -2.52 -5.45
N ILE A 330 -1.62 -2.59 -4.24
CA ILE A 330 -2.75 -1.77 -3.77
C ILE A 330 -2.50 -0.26 -3.77
N ALA A 331 -3.60 0.49 -3.59
CA ALA A 331 -3.58 1.96 -3.56
C ALA A 331 -5.01 2.51 -3.38
N PRO A 332 -5.54 2.45 -2.15
CA PRO A 332 -6.87 2.87 -1.66
C PRO A 332 -7.59 4.08 -2.27
N PRO A 333 -8.82 4.36 -1.76
CA PRO A 333 -9.62 5.50 -2.22
C PRO A 333 -8.68 6.69 -2.17
N GLU A 334 -8.30 7.10 -0.96
CA GLU A 334 -7.34 8.19 -0.77
C GLU A 334 -6.40 7.91 0.40
N ARG A 335 -5.46 7.00 0.15
CA ARG A 335 -4.45 6.61 1.12
C ARG A 335 -3.77 7.82 1.75
N LYS A 336 -3.95 9.00 1.15
CA LYS A 336 -3.38 10.21 1.69
C LYS A 336 -4.11 10.48 2.99
N TYR A 337 -4.78 9.44 3.46
CA TYR A 337 -5.53 9.44 4.70
C TYR A 337 -5.57 7.98 5.14
N SER A 338 -4.87 7.10 4.40
CA SER A 338 -4.83 5.67 4.70
C SER A 338 -4.59 5.51 6.21
N VAL A 339 -3.39 5.85 6.66
CA VAL A 339 -3.06 5.77 8.07
C VAL A 339 -4.13 6.41 8.96
N TRP A 340 -4.57 7.64 8.71
CA TRP A 340 -5.62 8.22 9.58
C TRP A 340 -6.89 7.37 9.56
N ILE A 341 -7.30 6.97 8.36
CA ILE A 341 -8.50 6.15 8.17
C ILE A 341 -8.40 4.90 9.05
N GLY A 342 -7.37 4.07 8.81
CA GLY A 342 -7.19 2.87 9.61
C GLY A 342 -7.30 3.27 11.05
N GLY A 343 -6.89 4.51 11.32
CA GLY A 343 -6.96 5.04 12.66
C GLY A 343 -8.37 5.04 13.20
N SER A 344 -9.33 5.49 12.40
CA SER A 344 -10.71 5.53 12.90
C SER A 344 -11.31 4.15 12.96
N ILE A 345 -10.60 3.19 12.36
CA ILE A 345 -11.11 1.83 12.31
C ILE A 345 -10.77 1.04 13.58
N LEU A 346 -9.53 0.83 13.83
CA LEU A 346 -9.04 0.08 14.99
C LEU A 346 -9.54 0.69 16.33
N ALA A 347 -10.48 1.64 16.26
CA ALA A 347 -11.01 2.35 17.43
C ALA A 347 -12.55 2.43 17.37
N SER A 348 -13.12 2.64 16.19
CA SER A 348 -14.57 2.57 16.01
C SER A 348 -14.91 1.11 16.21
N LEU A 349 -13.91 0.30 15.94
CA LEU A 349 -13.92 -1.14 16.00
C LEU A 349 -14.09 -1.64 17.46
N SER A 350 -14.54 -0.75 18.34
CA SER A 350 -14.76 -1.03 19.73
C SER A 350 -13.93 -2.19 20.31
N THR A 351 -14.54 -3.39 20.38
CA THR A 351 -13.93 -4.61 20.89
C THR A 351 -12.48 -4.47 21.36
N PHE A 352 -11.60 -4.04 20.46
CA PHE A 352 -10.19 -3.83 20.77
C PHE A 352 -9.92 -2.91 21.97
N GLN A 353 -10.95 -2.22 22.45
CA GLN A 353 -10.85 -1.29 23.58
C GLN A 353 -9.88 -1.71 24.69
N GLN A 354 -9.51 -2.98 24.75
CA GLN A 354 -8.59 -3.45 25.79
C GLN A 354 -7.12 -3.17 25.44
N MET A 355 -6.90 -2.12 24.64
CA MET A 355 -5.55 -1.71 24.27
C MET A 355 -5.35 -0.26 24.76
N TRP A 356 -6.36 0.26 25.46
CA TRP A 356 -6.33 1.62 26.02
C TRP A 356 -5.45 1.75 27.25
N ILE A 357 -5.10 2.99 27.56
CA ILE A 357 -4.31 3.34 28.73
C ILE A 357 -5.12 4.43 29.44
N THR A 358 -5.81 4.07 30.53
CA THR A 358 -6.61 5.05 31.28
C THR A 358 -5.67 5.95 32.06
N LYS A 359 -6.05 7.22 32.19
CA LYS A 359 -5.28 8.18 32.96
C LYS A 359 -4.93 7.44 34.26
N GLN A 360 -5.88 6.64 34.77
CA GLN A 360 -5.65 5.83 35.97
C GLN A 360 -4.30 5.15 35.83
N GLU A 361 -4.33 4.05 35.10
CA GLU A 361 -3.13 3.25 34.83
C GLU A 361 -1.90 4.14 34.74
N TYR A 362 -2.04 5.25 34.03
CA TYR A 362 -0.95 6.20 33.86
C TYR A 362 -0.51 6.78 35.19
N ASP A 363 -1.47 7.32 35.94
CA ASP A 363 -1.21 7.92 37.26
C ASP A 363 -0.44 7.01 38.22
N GLU A 364 -0.62 5.71 38.07
CA GLU A 364 0.03 4.75 38.93
C GLU A 364 1.46 4.39 38.52
N ALA A 365 1.64 4.15 37.22
CA ALA A 365 2.94 3.79 36.65
C ALA A 365 3.61 4.96 35.89
N GLY A 366 2.78 5.73 35.19
CA GLY A 366 3.29 6.88 34.45
C GLY A 366 3.77 6.60 33.04
N PRO A 367 4.65 7.47 32.51
CA PRO A 367 5.19 7.28 31.16
C PRO A 367 5.39 5.84 30.72
N SER A 368 6.43 5.19 31.25
CA SER A 368 6.79 3.79 30.92
C SER A 368 5.64 2.82 30.68
N ILE A 369 4.40 3.27 30.85
CA ILE A 369 3.25 2.39 30.61
C ILE A 369 2.74 2.47 29.19
N VAL A 370 2.94 3.61 28.53
CA VAL A 370 2.47 3.78 27.15
C VAL A 370 3.02 2.63 26.32
N HIS A 371 4.16 2.11 26.77
CA HIS A 371 4.89 1.02 26.11
C HIS A 371 4.22 -0.35 26.08
N ARG A 372 4.07 -0.92 27.28
CA ARG A 372 3.49 -2.26 27.45
C ARG A 372 2.02 -2.50 27.16
N LYS B 24 5.34 10.45 59.15
CA LYS B 24 5.73 11.80 59.64
C LYS B 24 5.49 12.95 58.63
N TYR B 25 5.30 12.61 57.35
CA TYR B 25 5.08 13.61 56.29
C TYR B 25 3.66 14.21 56.24
N PRO B 26 3.55 15.50 55.88
CA PRO B 26 2.30 16.27 55.76
C PRO B 26 1.52 15.82 54.51
N ARG B 27 0.20 15.78 54.56
CA ARG B 27 -0.54 15.33 53.39
C ARG B 27 -1.86 16.03 53.02
N PRO B 28 -2.14 16.18 51.70
CA PRO B 28 -3.32 16.82 51.11
C PRO B 28 -4.68 16.14 51.30
N HIS B 29 -5.75 16.94 51.25
CA HIS B 29 -7.10 16.42 51.43
C HIS B 29 -7.63 15.77 50.16
N LYS B 30 -7.32 16.36 49.01
CA LYS B 30 -7.76 15.77 47.74
C LYS B 30 -6.55 15.32 46.93
N LYS B 31 -6.77 14.36 46.05
CA LYS B 31 -5.70 13.80 45.20
C LYS B 31 -4.94 14.88 44.43
N LEU B 32 -3.62 14.71 44.33
CA LEU B 32 -2.79 15.69 43.63
C LEU B 32 -2.08 15.18 42.37
N LYS B 33 -1.74 16.11 41.47
CA LYS B 33 -1.05 15.74 40.24
C LYS B 33 0.30 15.08 40.58
N GLN B 34 0.38 13.79 40.33
CA GLN B 34 1.59 12.99 40.61
C GLN B 34 2.81 13.42 39.79
N LEU B 35 4.00 13.25 40.38
CA LEU B 35 5.27 13.60 39.74
C LEU B 35 6.06 12.33 39.46
N HIS B 36 5.69 11.62 38.40
CA HIS B 36 6.36 10.38 38.07
C HIS B 36 7.86 10.53 37.88
N TRP B 37 8.57 10.43 38.99
CA TRP B 37 10.03 10.51 38.97
C TRP B 37 10.62 9.13 39.20
N GLU B 38 11.93 9.04 39.02
CA GLU B 38 12.68 7.79 39.20
C GLU B 38 13.52 7.94 40.45
N LYS B 39 13.06 7.34 41.53
CA LYS B 39 13.75 7.41 42.80
C LYS B 39 15.15 6.81 42.81
N LEU B 40 15.97 7.32 43.74
CA LEU B 40 17.32 6.82 43.95
C LEU B 40 17.11 6.01 45.22
N ASP B 41 17.66 4.80 45.26
CA ASP B 41 17.51 3.90 46.40
C ASP B 41 18.49 4.16 47.53
N CYS B 42 19.70 3.63 47.38
CA CYS B 42 20.71 3.84 48.40
C CYS B 42 20.86 5.36 48.55
N THR B 43 20.82 5.81 49.79
CA THR B 43 20.97 7.22 50.10
C THR B 43 22.45 7.43 50.42
N ASP B 44 23.10 6.35 50.85
CA ASP B 44 24.52 6.30 51.20
C ASP B 44 25.21 7.65 51.38
N ASN B 45 25.92 8.07 50.34
CA ASN B 45 26.66 9.32 50.35
C ASN B 45 26.18 10.29 49.29
N SER B 46 24.88 10.51 49.27
CA SER B 46 24.21 11.38 48.31
C SER B 46 24.15 12.84 48.77
N ILE B 47 22.92 13.34 48.86
CA ILE B 47 22.65 14.69 49.29
C ILE B 47 21.36 14.53 50.07
N TRP B 48 20.72 13.40 49.81
CA TRP B 48 19.50 13.07 50.51
C TRP B 48 20.13 12.32 51.69
N GLY B 49 19.43 12.21 52.82
CA GLY B 49 20.02 11.52 53.96
C GLY B 49 20.39 12.50 55.05
N THR B 50 20.67 13.75 54.67
CA THR B 50 21.00 14.78 55.64
C THR B 50 19.68 15.37 56.13
N GLY B 51 18.59 14.70 55.77
CA GLY B 51 17.25 15.11 56.17
C GLY B 51 16.72 16.48 55.76
N LYS B 52 17.52 17.25 55.03
CA LYS B 52 17.10 18.58 54.59
C LYS B 52 15.66 18.46 54.09
N ALA B 53 15.42 17.42 53.30
CA ALA B 53 14.10 17.14 52.73
C ALA B 53 13.00 17.31 53.76
N GLU B 54 13.28 16.85 54.98
CA GLU B 54 12.30 16.91 56.06
C GLU B 54 12.05 18.32 56.61
N LYS B 55 13.02 19.23 56.48
CA LYS B 55 12.79 20.59 57.00
C LYS B 55 11.75 21.28 56.13
N PHE B 56 12.09 21.46 54.86
CA PHE B 56 11.19 22.10 53.91
C PHE B 56 9.85 21.40 54.03
N ALA B 57 9.90 20.13 54.39
CA ALA B 57 8.69 19.34 54.56
C ALA B 57 7.66 20.21 55.29
N ASP B 58 7.69 20.16 56.63
CA ASP B 58 6.75 20.92 57.47
C ASP B 58 6.85 22.43 57.26
N ASP B 59 8.08 22.92 57.17
CA ASP B 59 8.32 24.34 56.98
C ASP B 59 7.32 24.90 55.98
N LEU B 60 7.49 24.56 54.70
CA LEU B 60 6.59 25.03 53.65
C LEU B 60 5.12 24.74 53.90
N TYR B 61 4.83 23.92 54.90
CA TYR B 61 3.44 23.59 55.25
C TYR B 61 2.89 24.66 56.19
N GLU B 62 3.67 24.99 57.21
CA GLU B 62 3.26 26.00 58.17
C GLU B 62 3.41 27.37 57.50
N LYS B 63 4.50 27.55 56.75
CA LYS B 63 4.76 28.81 56.06
C LYS B 63 3.72 29.19 55.00
N GLY B 64 2.61 28.44 54.98
CA GLY B 64 1.54 28.69 54.02
C GLY B 64 1.56 27.79 52.80
N VAL B 65 2.59 28.00 51.99
CA VAL B 65 2.88 27.30 50.74
C VAL B 65 2.08 26.06 50.30
N LEU B 66 2.38 24.88 50.85
CA LEU B 66 1.69 23.65 50.45
C LEU B 66 0.18 23.83 50.27
N ALA B 67 -0.41 24.63 51.14
CA ALA B 67 -1.86 24.91 51.11
C ALA B 67 -2.44 25.16 49.72
N ASP B 68 -1.72 25.97 48.92
CA ASP B 68 -2.13 26.32 47.55
C ASP B 68 -1.58 25.27 46.60
N LEU B 69 -0.29 24.97 46.75
CA LEU B 69 0.37 23.95 45.91
C LEU B 69 -0.58 22.79 45.86
N GLU B 70 -1.38 22.71 46.91
CA GLU B 70 -2.37 21.68 47.03
C GLU B 70 -3.45 22.10 46.04
N LYS B 71 -4.11 23.22 46.34
CA LYS B 71 -5.18 23.76 45.49
C LYS B 71 -4.85 23.83 44.01
N ALA B 72 -3.62 24.21 43.68
CA ALA B 72 -3.21 24.37 42.29
C ALA B 72 -3.01 23.11 41.49
N PHE B 73 -2.35 22.09 42.03
CA PHE B 73 -2.13 20.85 41.36
C PHE B 73 -3.14 19.79 41.75
N ALA B 74 -4.35 20.23 42.05
CA ALA B 74 -5.40 19.31 42.44
C ALA B 74 -5.74 18.52 41.21
N ALA B 75 -5.54 17.20 41.26
CA ALA B 75 -5.83 16.35 40.12
C ALA B 75 -7.34 16.26 39.90
N ARG B 76 -7.85 16.88 38.84
CA ARG B 76 -9.29 16.85 38.59
C ARG B 76 -9.75 15.45 38.19
N GLU B 77 -11.04 15.18 38.43
CA GLU B 77 -11.66 13.88 38.15
C GLU B 77 -11.44 13.40 36.71
N ILE B 78 -11.69 12.09 36.50
CA ILE B 78 -11.52 11.45 35.18
C ILE B 78 -12.77 10.71 34.72
N LYS B 79 -13.35 11.19 33.62
CA LYS B 79 -14.55 10.58 33.09
C LYS B 79 -14.27 9.24 32.43
N SER B 80 -15.30 8.41 32.34
CA SER B 80 -15.21 7.07 31.77
C SER B 80 -16.53 6.73 31.11
N LEU B 81 -16.47 6.29 29.86
CA LEU B 81 -17.69 5.98 29.12
C LEU B 81 -17.66 4.74 28.26
N ALA B 82 -17.92 4.95 26.97
CA ALA B 82 -17.96 3.94 25.92
C ALA B 82 -19.01 2.89 26.24
N SER B 83 -18.56 1.82 26.88
CA SER B 83 -19.37 0.67 27.30
C SER B 83 -20.11 -0.12 26.23
N LYS B 84 -21.14 0.45 25.62
CA LYS B 84 -21.94 -0.24 24.60
C LYS B 84 -21.18 -1.16 23.65
N ARG B 85 -19.94 -0.83 23.37
CA ARG B 85 -19.16 -1.66 22.50
C ARG B 85 -18.14 -2.42 23.36
N LYS B 86 -17.95 -1.98 24.59
CA LYS B 86 -17.08 -2.59 25.58
C LYS B 86 -17.66 -3.96 25.91
N GLU B 87 -18.88 -3.98 26.35
CA GLU B 87 -19.55 -5.21 26.74
C GLU B 87 -19.57 -6.33 25.72
N ASP B 88 -19.39 -6.01 24.44
CA ASP B 88 -19.35 -7.06 23.42
C ASP B 88 -18.20 -7.96 23.83
N LEU B 89 -17.47 -7.51 24.86
CA LEU B 89 -16.35 -8.24 25.41
C LEU B 89 -16.95 -9.43 26.15
N GLN B 90 -17.69 -9.14 27.22
CA GLN B 90 -18.31 -10.17 28.04
C GLN B 90 -19.06 -11.29 27.30
N LYS B 91 -19.62 -10.99 26.13
CA LYS B 91 -20.34 -12.03 25.39
C LYS B 91 -19.40 -13.10 24.79
N ILE B 92 -19.92 -14.31 24.67
CA ILE B 92 -19.23 -15.48 24.12
C ILE B 92 -18.51 -15.23 22.79
N THR B 93 -17.50 -16.04 22.49
CA THR B 93 -16.74 -15.94 21.26
C THR B 93 -15.96 -17.21 21.00
N PHE B 94 -16.22 -17.84 19.86
CA PHE B 94 -15.53 -19.06 19.45
C PHE B 94 -14.55 -18.70 18.34
N LEU B 95 -14.41 -17.40 18.10
CA LEU B 95 -13.55 -16.90 17.03
C LEU B 95 -12.24 -16.21 17.41
N SER B 96 -11.15 -16.81 16.93
CA SER B 96 -9.79 -16.34 17.16
C SER B 96 -9.63 -14.83 17.00
N ARG B 97 -9.09 -14.16 18.03
CA ARG B 97 -8.89 -12.70 17.99
C ARG B 97 -8.64 -12.22 16.55
N ASP B 98 -7.67 -12.84 15.88
CA ASP B 98 -7.32 -12.50 14.49
C ASP B 98 -8.57 -12.29 13.65
N ILE B 99 -9.31 -13.38 13.45
CA ILE B 99 -10.53 -13.41 12.67
C ILE B 99 -11.56 -12.36 13.15
N SER B 100 -12.04 -12.50 14.38
CA SER B 100 -12.98 -11.55 14.97
C SER B 100 -12.50 -10.14 14.62
N GLN B 101 -11.18 -10.00 14.53
CA GLN B 101 -10.59 -8.73 14.18
C GLN B 101 -10.70 -8.51 12.68
N GLN B 102 -10.16 -9.42 11.87
CA GLN B 102 -10.24 -9.22 10.45
C GLN B 102 -11.60 -9.60 9.87
N PHE B 103 -12.57 -8.89 10.40
CA PHE B 103 -13.96 -8.93 10.01
C PHE B 103 -14.09 -7.44 10.22
N GLY B 104 -14.21 -7.05 11.49
CA GLY B 104 -14.31 -5.66 11.88
C GLY B 104 -13.32 -4.78 11.14
N ILE B 105 -12.45 -5.40 10.34
CA ILE B 105 -11.50 -4.70 9.53
C ILE B 105 -12.12 -4.32 8.17
N ASN B 106 -12.60 -5.32 7.44
CA ASN B 106 -13.21 -5.07 6.13
C ASN B 106 -14.70 -4.76 6.25
N LEU B 107 -15.33 -5.21 7.33
CA LEU B 107 -16.73 -4.91 7.52
C LEU B 107 -16.70 -3.62 8.32
N HIS B 108 -15.64 -2.84 8.10
CA HIS B 108 -15.47 -1.59 8.83
C HIS B 108 -16.32 -0.43 8.36
N MET B 109 -17.02 -0.60 7.25
CA MET B 109 -17.87 0.47 6.74
C MET B 109 -19.26 0.24 7.25
N TYR B 110 -19.51 -0.99 7.68
CA TYR B 110 -20.82 -1.33 8.19
C TYR B 110 -20.81 -1.16 9.69
N SER B 111 -19.72 -0.60 10.20
CA SER B 111 -19.56 -0.35 11.63
C SER B 111 -20.92 -0.07 12.25
N SER B 112 -21.39 1.18 12.08
CA SER B 112 -22.67 1.64 12.63
C SER B 112 -23.92 0.75 12.51
N LEU B 113 -23.96 -0.13 11.52
CA LEU B 113 -25.12 -1.01 11.34
C LEU B 113 -25.12 -2.14 12.37
N SER B 114 -26.30 -2.48 12.88
CA SER B 114 -26.39 -3.55 13.86
C SER B 114 -26.01 -4.86 13.22
N VAL B 115 -25.85 -5.85 14.07
CA VAL B 115 -25.48 -7.17 13.65
C VAL B 115 -26.39 -7.68 12.54
N ALA B 116 -27.64 -7.21 12.52
CA ALA B 116 -28.59 -7.66 11.49
C ALA B 116 -28.71 -6.71 10.32
N ASP B 117 -28.92 -5.42 10.60
CA ASP B 117 -29.05 -4.43 9.55
C ASP B 117 -28.07 -4.86 8.46
N LEU B 118 -26.79 -4.95 8.84
CA LEU B 118 -25.72 -5.34 7.94
C LEU B 118 -25.92 -6.62 7.10
N VAL B 119 -26.30 -7.72 7.74
CA VAL B 119 -26.49 -8.99 7.02
C VAL B 119 -27.49 -8.91 5.87
N LYS B 120 -28.49 -8.04 6.01
CA LYS B 120 -29.51 -7.83 4.98
C LYS B 120 -28.71 -7.27 3.82
N LYS B 121 -28.20 -6.07 4.05
CA LYS B 121 -27.39 -5.33 3.11
C LYS B 121 -26.42 -6.26 2.35
N ILE B 122 -26.06 -7.39 2.96
CA ILE B 122 -25.14 -8.34 2.33
C ILE B 122 -25.82 -9.45 1.53
N LEU B 123 -26.88 -10.03 2.09
CA LEU B 123 -27.61 -11.08 1.40
C LEU B 123 -28.30 -10.37 0.27
N ASN B 124 -28.86 -9.22 0.64
CA ASN B 124 -29.59 -8.33 -0.25
C ASN B 124 -28.61 -7.59 -1.15
N CYS B 125 -27.54 -8.28 -1.50
CA CYS B 125 -26.48 -7.77 -2.36
C CYS B 125 -26.58 -6.32 -2.82
N ASP B 126 -26.48 -5.37 -1.89
CA ASP B 126 -26.54 -3.93 -2.23
C ASP B 126 -25.57 -3.56 -3.36
N ARG B 127 -25.63 -2.30 -3.79
CA ARG B 127 -24.75 -1.81 -4.85
C ARG B 127 -23.57 -1.10 -4.21
N ASP B 128 -23.54 -1.09 -2.88
CA ASP B 128 -22.44 -0.44 -2.18
C ASP B 128 -21.50 -1.50 -1.64
N PHE B 129 -22.05 -2.69 -1.44
CA PHE B 129 -21.31 -3.86 -0.95
C PHE B 129 -20.60 -4.51 -2.13
N LEU B 130 -21.38 -4.88 -3.15
CA LEU B 130 -20.82 -5.52 -4.33
C LEU B 130 -19.76 -4.65 -4.99
N GLN B 131 -19.88 -3.34 -4.86
CA GLN B 131 -18.89 -2.45 -5.49
C GLN B 131 -17.48 -2.56 -4.91
N THR B 132 -17.35 -2.65 -3.58
CA THR B 132 -16.04 -2.76 -2.96
C THR B 132 -15.58 -4.21 -2.83
N PRO B 133 -14.66 -4.65 -3.71
CA PRO B 133 -14.10 -6.01 -3.76
C PRO B 133 -13.45 -6.41 -2.44
N SER B 134 -12.85 -5.43 -1.78
CA SER B 134 -12.22 -5.63 -0.48
C SER B 134 -13.17 -6.54 0.33
N VAL B 135 -14.45 -6.21 0.33
CA VAL B 135 -15.42 -6.99 1.08
C VAL B 135 -15.86 -8.23 0.34
N VAL B 136 -15.95 -8.15 -0.98
CA VAL B 136 -16.35 -9.32 -1.76
C VAL B 136 -15.33 -10.41 -1.50
N GLU B 137 -14.08 -10.08 -1.83
CA GLU B 137 -12.93 -10.96 -1.68
C GLU B 137 -12.86 -11.52 -0.29
N PHE B 138 -12.96 -10.64 0.70
CA PHE B 138 -12.91 -11.10 2.07
C PHE B 138 -13.87 -12.26 2.17
N LEU B 139 -15.15 -11.95 2.15
CA LEU B 139 -16.20 -12.93 2.29
C LEU B 139 -16.16 -14.23 1.49
N SER B 140 -15.18 -14.38 0.62
CA SER B 140 -15.07 -15.60 -0.14
C SER B 140 -13.68 -16.17 0.10
N LYS B 141 -13.05 -15.74 1.19
CA LYS B 141 -11.69 -16.15 1.61
C LYS B 141 -11.77 -17.56 2.22
N SER B 142 -11.15 -18.54 1.57
CA SER B 142 -11.16 -19.92 2.08
C SER B 142 -11.08 -19.93 3.61
N GLU B 143 -10.08 -19.24 4.14
CA GLU B 143 -9.84 -19.13 5.59
C GLU B 143 -11.06 -18.64 6.39
N ILE B 144 -12.03 -18.01 5.72
CA ILE B 144 -13.23 -17.49 6.38
C ILE B 144 -14.48 -18.33 6.18
N ILE B 145 -14.55 -18.94 5.00
CA ILE B 145 -15.65 -19.80 4.62
C ILE B 145 -15.63 -21.07 5.47
N GLU B 146 -14.73 -21.99 5.09
CA GLU B 146 -14.53 -23.30 5.72
C GLU B 146 -14.72 -23.45 7.23
N VAL B 147 -15.86 -24.01 7.64
CA VAL B 147 -16.15 -24.23 9.05
C VAL B 147 -15.90 -25.68 9.49
N SER B 148 -15.18 -25.85 10.60
CA SER B 148 -14.87 -27.19 11.12
C SER B 148 -15.95 -27.74 12.04
N VAL B 149 -16.04 -29.06 12.10
CA VAL B 149 -17.01 -29.76 12.95
C VAL B 149 -16.81 -29.22 14.35
N ASN B 150 -15.54 -29.18 14.72
CA ASN B 150 -15.11 -28.70 16.02
C ASN B 150 -15.67 -27.28 16.15
N LEU B 151 -15.75 -26.57 15.01
CA LEU B 151 -16.27 -25.20 14.95
C LEU B 151 -17.79 -25.19 14.87
N ALA B 152 -18.34 -25.74 13.78
CA ALA B 152 -19.78 -25.79 13.57
C ALA B 152 -20.49 -26.12 14.87
N ARG B 153 -20.12 -27.26 15.47
CA ARG B 153 -20.73 -27.69 16.73
C ARG B 153 -21.03 -26.51 17.66
N ASN B 154 -19.98 -25.78 18.00
CA ASN B 154 -20.06 -24.62 18.88
C ASN B 154 -21.17 -23.66 18.46
N TYR B 155 -21.52 -23.67 17.18
CA TYR B 155 -22.53 -22.77 16.65
C TYR B 155 -23.91 -23.36 16.41
N ALA B 156 -24.03 -24.68 16.52
CA ALA B 156 -25.30 -25.36 16.29
C ALA B 156 -26.50 -24.89 17.14
N PRO B 157 -26.34 -24.84 18.48
CA PRO B 157 -27.42 -24.41 19.37
C PRO B 157 -28.02 -23.05 18.99
N TYR B 158 -27.47 -22.42 17.95
CA TYR B 158 -27.94 -21.11 17.51
C TYR B 158 -28.21 -21.06 15.99
N SER B 159 -27.89 -22.12 15.26
CA SER B 159 -28.05 -22.13 13.80
C SER B 159 -29.47 -22.00 13.24
N THR B 160 -29.64 -22.49 12.02
CA THR B 160 -30.93 -22.44 11.33
C THR B 160 -30.88 -23.36 10.09
N ASP B 161 -32.04 -23.59 9.46
CA ASP B 161 -32.15 -24.49 8.29
C ASP B 161 -32.66 -23.89 7.00
N TRP B 162 -33.55 -22.91 7.14
CA TRP B 162 -34.16 -22.23 6.00
C TRP B 162 -34.71 -23.17 4.93
N GLU B 163 -34.85 -24.45 5.25
CA GLU B 163 -35.38 -25.41 4.28
C GLU B 163 -36.85 -25.05 4.12
N GLY B 164 -37.19 -24.49 2.96
CA GLY B 164 -38.56 -24.08 2.71
C GLY B 164 -38.75 -22.62 3.08
N VAL B 165 -38.65 -22.33 4.38
CA VAL B 165 -38.82 -20.98 4.93
C VAL B 165 -38.78 -19.88 3.86
N ARG B 166 -39.85 -19.10 3.79
CA ARG B 166 -39.98 -18.00 2.81
C ARG B 166 -40.22 -16.63 3.47
N ASN B 167 -40.06 -16.56 4.78
CA ASN B 167 -40.23 -15.30 5.50
C ASN B 167 -39.32 -15.22 6.73
N LEU B 168 -39.02 -13.99 7.14
CA LEU B 168 -38.17 -13.73 8.29
C LEU B 168 -38.57 -14.46 9.55
N GLU B 169 -39.72 -14.06 10.09
CA GLU B 169 -40.27 -14.61 11.32
C GLU B 169 -40.49 -16.11 11.39
N ASP B 170 -40.61 -16.77 10.24
CA ASP B 170 -40.86 -18.21 10.25
C ASP B 170 -39.83 -19.00 11.06
N ALA B 171 -38.88 -19.63 10.38
CA ALA B 171 -37.82 -20.44 10.99
C ALA B 171 -37.84 -20.32 12.51
N LYS B 172 -37.29 -19.22 13.01
CA LYS B 172 -37.25 -18.87 14.43
C LYS B 172 -36.96 -19.90 15.54
N PRO B 173 -36.22 -21.01 15.28
CA PRO B 173 -36.06 -21.83 16.49
C PRO B 173 -34.72 -21.44 17.14
N PRO B 174 -34.68 -20.29 17.85
CA PRO B 174 -33.40 -19.92 18.45
C PRO B 174 -32.86 -21.01 19.35
N GLU B 175 -33.75 -21.70 20.05
CA GLU B 175 -33.32 -22.75 20.95
C GLU B 175 -32.34 -22.03 21.88
N LYS B 176 -31.06 -22.34 21.74
CA LYS B 176 -30.00 -21.70 22.51
C LYS B 176 -29.74 -20.37 21.79
N ASP B 177 -30.00 -19.27 22.49
CA ASP B 177 -29.87 -17.91 21.97
C ASP B 177 -28.51 -17.43 21.46
N PRO B 178 -28.52 -16.72 20.30
CA PRO B 178 -27.36 -16.15 19.60
C PRO B 178 -26.85 -14.81 20.15
N ASN B 179 -27.66 -14.13 20.96
CA ASN B 179 -27.22 -12.84 21.48
C ASN B 179 -26.03 -12.90 22.42
N ASP B 180 -25.77 -14.07 23.01
CA ASP B 180 -24.65 -14.24 23.93
C ASP B 180 -23.29 -14.18 23.23
N LEU B 181 -23.30 -14.18 21.89
CA LEU B 181 -22.05 -14.14 21.12
C LEU B 181 -21.60 -12.70 20.86
N GLN B 182 -20.29 -12.55 20.64
CA GLN B 182 -19.70 -11.25 20.37
C GLN B 182 -20.17 -10.84 18.98
N ARG B 183 -20.40 -9.54 18.76
CA ARG B 183 -20.85 -9.03 17.47
C ARG B 183 -20.11 -9.76 16.36
N ALA B 184 -18.80 -9.57 16.34
CA ALA B 184 -17.98 -10.21 15.32
C ALA B 184 -18.33 -11.70 15.21
N ASP B 185 -18.77 -12.32 16.31
CA ASP B 185 -19.09 -13.74 16.22
C ASP B 185 -20.39 -13.95 15.43
N GLN B 186 -21.45 -13.25 15.80
CA GLN B 186 -22.74 -13.35 15.12
C GLN B 186 -22.67 -13.38 13.59
N ILE B 187 -22.01 -12.43 12.95
CA ILE B 187 -21.93 -12.44 11.48
C ILE B 187 -21.44 -13.79 10.99
N TYR B 188 -20.33 -14.26 11.55
CA TYR B 188 -19.79 -15.54 11.13
C TYR B 188 -20.91 -16.55 11.08
N LEU B 189 -21.82 -16.42 12.03
CA LEU B 189 -22.95 -17.33 12.13
C LEU B 189 -23.98 -17.16 11.03
N GLN B 190 -24.80 -16.12 11.10
CA GLN B 190 -25.84 -15.92 10.10
C GLN B 190 -25.34 -16.02 8.67
N LEU B 191 -24.03 -16.04 8.47
CA LEU B 191 -23.54 -16.13 7.11
C LEU B 191 -22.68 -17.33 6.71
N MET B 192 -21.53 -17.53 7.34
CA MET B 192 -20.68 -18.66 6.95
C MET B 192 -21.21 -20.00 7.45
N VAL B 193 -22.07 -19.93 8.47
CA VAL B 193 -22.69 -21.10 9.08
C VAL B 193 -24.07 -21.33 8.44
N ASN B 194 -25.07 -20.61 8.94
CA ASN B 194 -26.46 -20.69 8.50
C ASN B 194 -26.78 -20.73 7.00
N LEU B 195 -25.87 -20.27 6.14
CA LEU B 195 -26.09 -20.32 4.71
C LEU B 195 -24.91 -21.13 4.18
N GLU B 196 -24.24 -21.82 5.12
CA GLU B 196 -23.08 -22.66 4.81
C GLU B 196 -23.28 -23.32 3.46
N SER B 197 -24.11 -24.36 3.48
CA SER B 197 -24.46 -25.17 2.31
C SER B 197 -24.16 -24.56 0.94
N TYR B 198 -24.47 -23.28 0.76
CA TYR B 198 -24.24 -22.67 -0.53
C TYR B 198 -23.30 -21.44 -0.55
N TRP B 199 -22.98 -20.88 0.64
CA TRP B 199 -22.13 -19.67 0.72
C TRP B 199 -20.94 -19.67 -0.23
N GLY B 200 -20.20 -20.77 -0.30
CA GLY B 200 -19.07 -20.85 -1.19
C GLY B 200 -19.49 -20.39 -2.58
N SER B 201 -20.18 -21.25 -3.31
CA SER B 201 -20.69 -20.94 -4.66
C SER B 201 -21.41 -19.59 -4.78
N ARG B 202 -22.22 -19.26 -3.76
CA ARG B 202 -22.95 -17.98 -3.69
C ARG B 202 -21.99 -16.83 -3.90
N MET B 203 -20.79 -17.04 -3.39
CA MET B 203 -19.72 -16.05 -3.43
C MET B 203 -18.88 -16.11 -4.69
N ARG B 204 -18.68 -17.33 -5.18
CA ARG B 204 -17.91 -17.56 -6.39
C ARG B 204 -18.76 -16.92 -7.49
N ALA B 205 -20.06 -16.91 -7.27
CA ALA B 205 -21.00 -16.33 -8.23
C ALA B 205 -20.90 -14.82 -8.15
N LEU B 206 -21.44 -14.25 -7.06
CA LEU B 206 -21.42 -12.80 -6.87
C LEU B 206 -20.14 -12.16 -7.30
N THR B 207 -19.07 -12.93 -7.16
CA THR B 207 -17.76 -12.47 -7.55
C THR B 207 -17.76 -12.33 -9.06
N VAL B 208 -17.89 -13.46 -9.76
CA VAL B 208 -17.92 -13.45 -11.22
C VAL B 208 -18.78 -12.28 -11.65
N VAL B 209 -19.98 -12.19 -11.07
CA VAL B 209 -20.87 -11.09 -11.39
C VAL B 209 -19.99 -9.82 -11.42
N THR B 210 -19.60 -9.40 -10.21
CA THR B 210 -18.78 -8.21 -9.98
C THR B 210 -17.40 -8.10 -10.64
N SER B 211 -16.82 -9.23 -11.07
CA SER B 211 -15.49 -9.20 -11.66
C SER B 211 -15.35 -9.46 -13.16
N TYR B 212 -15.93 -10.57 -13.64
CA TYR B 212 -15.87 -11.02 -15.04
C TYR B 212 -15.56 -9.95 -16.11
N GLU B 213 -16.08 -8.74 -15.90
CA GLU B 213 -15.87 -7.62 -16.82
C GLU B 213 -14.38 -7.37 -17.04
N ARG B 214 -13.81 -6.52 -16.19
CA ARG B 214 -12.40 -6.18 -16.29
C ARG B 214 -11.57 -7.46 -16.28
N GLU B 215 -11.90 -8.37 -15.36
CA GLU B 215 -11.19 -9.65 -15.22
C GLU B 215 -11.19 -10.43 -16.53
N TYR B 216 -11.54 -9.73 -17.60
CA TYR B 216 -11.60 -10.30 -18.94
C TYR B 216 -10.70 -9.43 -19.80
N ASN B 217 -11.06 -8.15 -19.92
CA ASN B 217 -10.26 -7.22 -20.69
C ASN B 217 -8.80 -7.44 -20.24
N GLU B 218 -8.60 -7.48 -18.92
CA GLU B 218 -7.28 -7.69 -18.32
C GLU B 218 -6.49 -8.84 -18.93
N LEU B 219 -7.13 -10.00 -19.08
CA LEU B 219 -6.47 -11.16 -19.67
C LEU B 219 -6.25 -10.94 -21.15
N LEU B 220 -7.34 -10.82 -21.90
CA LEU B 220 -7.25 -10.62 -23.35
C LEU B 220 -6.14 -9.65 -23.76
N ALA B 221 -5.85 -8.66 -22.93
CA ALA B 221 -4.80 -7.70 -23.23
C ALA B 221 -3.48 -8.38 -22.92
N LYS B 222 -3.41 -9.02 -21.75
CA LYS B 222 -2.22 -9.75 -21.33
C LYS B 222 -1.87 -10.72 -22.45
N LEU B 223 -2.91 -11.17 -23.14
CA LEU B 223 -2.79 -12.12 -24.24
C LEU B 223 -2.34 -11.47 -25.54
N ARG B 224 -2.66 -10.19 -25.73
CA ARG B 224 -2.26 -9.50 -26.94
C ARG B 224 -0.78 -9.13 -26.86
N LYS B 225 -0.32 -8.73 -25.66
CA LYS B 225 1.07 -8.35 -25.46
C LYS B 225 1.96 -9.55 -25.81
N VAL B 226 1.34 -10.71 -25.98
CA VAL B 226 2.07 -11.90 -26.37
C VAL B 226 1.89 -11.93 -27.87
N ASP B 227 0.66 -12.26 -28.29
CA ASP B 227 0.32 -12.34 -29.70
C ASP B 227 0.93 -11.26 -30.57
N LYS B 228 1.13 -10.06 -30.04
CA LYS B 228 1.72 -8.98 -30.84
C LYS B 228 3.15 -8.67 -30.44
N ALA B 229 3.93 -9.75 -30.39
CA ALA B 229 5.35 -9.79 -30.07
C ALA B 229 5.73 -11.13 -30.68
N VAL B 230 4.89 -12.14 -30.44
CA VAL B 230 5.09 -13.45 -31.03
C VAL B 230 4.97 -13.18 -32.52
N SER B 231 4.18 -12.15 -32.84
CA SER B 231 3.98 -11.71 -34.20
C SER B 231 5.29 -11.15 -34.70
N ALA B 232 5.71 -10.03 -34.12
CA ALA B 232 6.97 -9.41 -34.50
C ALA B 232 8.07 -10.42 -34.79
N LEU B 233 8.03 -11.57 -34.13
CA LEU B 233 9.04 -12.62 -34.33
C LEU B 233 8.76 -13.48 -35.56
N GLN B 234 7.47 -13.80 -35.75
CA GLN B 234 6.97 -14.58 -36.88
C GLN B 234 7.69 -14.08 -38.13
N GLU B 235 7.47 -12.80 -38.36
CA GLU B 235 7.99 -12.07 -39.50
C GLU B 235 8.86 -10.90 -39.09
N SER B 236 10.13 -11.04 -39.44
CA SER B 236 11.16 -10.06 -39.20
C SER B 236 12.27 -10.77 -39.97
N ASP B 237 12.10 -10.83 -41.29
CA ASP B 237 13.06 -11.47 -42.17
C ASP B 237 14.40 -10.97 -41.63
N ASN B 238 14.38 -9.71 -41.18
CA ASN B 238 15.56 -9.09 -40.60
C ASN B 238 16.22 -10.06 -39.61
N LEU B 239 15.68 -10.15 -38.41
CA LEU B 239 16.24 -11.04 -37.39
C LEU B 239 16.81 -12.33 -38.00
N ARG B 240 15.96 -13.11 -38.64
CA ARG B 240 16.35 -14.37 -39.28
C ARG B 240 17.67 -14.21 -39.99
N ASN B 241 17.75 -13.19 -40.83
CA ASN B 241 18.97 -12.94 -41.57
C ASN B 241 20.18 -12.79 -40.67
N VAL B 242 20.09 -11.92 -39.68
CA VAL B 242 21.22 -11.71 -38.76
C VAL B 242 21.78 -13.05 -38.30
N PHE B 243 20.93 -13.91 -37.75
CA PHE B 243 21.37 -15.23 -37.31
C PHE B 243 22.15 -15.87 -38.46
N ASN B 244 21.53 -15.88 -39.65
CA ASN B 244 22.13 -16.45 -40.87
C ASN B 244 23.54 -15.97 -41.09
N VAL B 245 23.75 -14.68 -40.80
CA VAL B 245 25.06 -14.03 -40.95
C VAL B 245 26.02 -14.56 -39.90
N ILE B 246 25.47 -14.91 -38.73
CA ILE B 246 26.28 -15.45 -37.66
C ILE B 246 26.59 -16.89 -38.02
N LEU B 247 25.55 -17.68 -38.32
CA LEU B 247 25.77 -19.09 -38.68
C LEU B 247 26.96 -19.10 -39.64
N ALA B 248 26.93 -18.18 -40.59
CA ALA B 248 27.96 -18.02 -41.61
C ALA B 248 29.36 -17.88 -41.04
N VAL B 249 29.57 -16.77 -40.34
CA VAL B 249 30.84 -16.48 -39.72
C VAL B 249 31.16 -17.64 -38.79
N GLY B 250 30.12 -18.20 -38.18
CA GLY B 250 30.34 -19.32 -37.30
C GLY B 250 31.13 -20.34 -38.08
N ASN B 251 30.43 -20.99 -39.00
CA ASN B 251 31.01 -22.01 -39.86
C ASN B 251 32.38 -21.61 -40.44
N PHE B 252 32.55 -20.36 -40.84
CA PHE B 252 33.84 -19.96 -41.36
C PHE B 252 34.91 -20.12 -40.27
N MET B 253 34.54 -19.89 -39.00
CA MET B 253 35.48 -20.01 -37.88
C MET B 253 35.60 -21.41 -37.32
N ASN B 254 34.45 -21.98 -36.95
CA ASN B 254 34.41 -23.33 -36.40
C ASN B 254 35.12 -24.27 -37.36
N ASP B 255 35.46 -25.46 -36.88
CA ASP B 255 36.14 -26.43 -37.72
C ASP B 255 35.17 -27.47 -38.27
N THR B 256 35.67 -28.25 -39.22
CA THR B 256 34.90 -29.30 -39.87
C THR B 256 33.92 -30.00 -38.93
N SER B 257 34.43 -30.68 -37.92
CA SER B 257 33.54 -31.36 -37.00
C SER B 257 32.54 -30.40 -36.37
N LYS B 258 32.85 -29.11 -36.36
CA LYS B 258 31.91 -28.15 -35.77
C LYS B 258 31.10 -27.29 -36.74
N GLN B 259 31.07 -27.67 -38.02
CA GLN B 259 30.29 -26.91 -39.00
C GLN B 259 28.83 -27.28 -38.71
N ALA B 260 27.86 -26.49 -39.17
CA ALA B 260 26.45 -26.79 -38.92
C ALA B 260 25.41 -25.93 -39.65
N GLN B 261 24.43 -26.62 -40.23
CA GLN B 261 23.36 -26.00 -40.99
C GLN B 261 22.32 -25.34 -40.10
N GLY B 262 22.74 -24.85 -38.93
CA GLY B 262 21.76 -24.21 -38.05
C GLY B 262 21.99 -24.52 -36.59
N PHE B 263 21.71 -23.55 -35.73
CA PHE B 263 21.92 -23.70 -34.29
C PHE B 263 20.74 -23.28 -33.40
N LYS B 264 20.83 -23.61 -32.11
CA LYS B 264 19.76 -23.25 -31.18
C LYS B 264 20.07 -21.92 -30.46
N LEU B 265 19.03 -21.33 -29.90
CA LEU B 265 19.14 -20.06 -29.19
C LEU B 265 20.17 -20.09 -28.07
N SER B 266 20.26 -21.24 -27.42
CA SER B 266 21.20 -21.46 -26.34
C SER B 266 22.62 -21.00 -26.75
N THR B 267 22.77 -20.68 -28.04
CA THR B 267 24.04 -20.23 -28.59
C THR B 267 24.23 -18.76 -28.31
N LEU B 268 23.14 -18.02 -28.45
CA LEU B 268 23.13 -16.58 -28.25
C LEU B 268 23.96 -16.08 -27.09
N GLN B 269 23.62 -16.48 -25.87
CA GLN B 269 24.35 -15.99 -24.70
C GLN B 269 25.86 -16.19 -24.63
N ARG B 270 26.40 -17.08 -25.45
CA ARG B 270 27.84 -17.30 -25.44
C ARG B 270 28.49 -16.69 -26.67
N LEU B 271 28.03 -15.50 -27.07
CA LEU B 271 28.62 -14.83 -28.22
C LEU B 271 29.56 -13.81 -27.65
N THR B 272 29.13 -13.29 -26.51
CA THR B 272 29.85 -12.28 -25.78
C THR B 272 31.19 -12.73 -25.22
N PHE B 273 31.33 -14.02 -24.93
CA PHE B 273 32.58 -14.50 -24.38
C PHE B 273 33.69 -14.51 -25.41
N ILE B 274 33.38 -14.96 -26.63
CA ILE B 274 34.35 -15.04 -27.73
C ILE B 274 35.00 -13.68 -27.99
N LYS B 275 36.07 -13.36 -27.28
CA LYS B 275 36.72 -12.07 -27.47
C LYS B 275 37.62 -12.10 -28.71
N ASP B 276 38.08 -10.94 -29.16
CA ASP B 276 38.97 -10.89 -30.34
C ASP B 276 40.37 -11.09 -29.81
N THR B 277 41.38 -10.65 -30.56
CA THR B 277 42.74 -10.85 -30.07
C THR B 277 43.03 -9.91 -28.92
N THR B 278 43.08 -8.63 -29.25
CA THR B 278 43.37 -7.57 -28.32
C THR B 278 42.23 -7.30 -27.34
N ASN B 279 41.44 -8.33 -26.99
CA ASN B 279 40.26 -8.19 -26.11
C ASN B 279 39.66 -6.78 -26.13
N SER B 280 39.50 -6.24 -27.33
CA SER B 280 38.93 -4.91 -27.51
C SER B 280 37.52 -5.07 -28.05
N MET B 281 37.30 -6.25 -28.65
CA MET B 281 36.04 -6.61 -29.27
C MET B 281 35.38 -7.81 -28.63
N THR B 282 34.05 -7.76 -28.56
CA THR B 282 33.28 -8.88 -28.04
C THR B 282 32.75 -9.41 -29.37
N PHE B 283 32.90 -10.70 -29.65
CA PHE B 283 32.42 -11.21 -30.93
C PHE B 283 31.13 -10.52 -31.34
N LEU B 284 30.17 -10.43 -30.42
CA LEU B 284 28.90 -9.79 -30.75
C LEU B 284 29.08 -8.38 -31.31
N ASN B 285 30.27 -7.80 -31.16
CA ASN B 285 30.52 -6.47 -31.71
C ASN B 285 30.63 -6.62 -33.21
N TYR B 286 31.62 -7.38 -33.66
CA TYR B 286 31.83 -7.62 -35.08
C TYR B 286 30.52 -7.95 -35.73
N VAL B 287 29.87 -8.95 -35.18
CA VAL B 287 28.59 -9.34 -35.70
C VAL B 287 27.76 -8.07 -35.91
N GLU B 288 27.66 -7.20 -34.90
CA GLU B 288 26.88 -5.97 -35.06
C GLU B 288 27.52 -5.10 -36.15
N LYS B 289 28.77 -4.67 -35.92
CA LYS B 289 29.50 -3.85 -36.89
C LYS B 289 29.24 -4.39 -38.30
N ILE B 290 29.49 -5.68 -38.48
CA ILE B 290 29.29 -6.35 -39.77
C ILE B 290 27.96 -6.09 -40.44
N VAL B 291 26.88 -6.17 -39.67
CA VAL B 291 25.59 -5.92 -40.26
C VAL B 291 25.60 -4.48 -40.74
N ARG B 292 25.49 -3.55 -39.81
CA ARG B 292 25.46 -2.14 -40.13
C ARG B 292 26.40 -1.62 -41.22
N LEU B 293 27.48 -2.35 -41.51
CA LEU B 293 28.40 -1.93 -42.56
C LEU B 293 28.54 -2.94 -43.69
N ASN B 294 27.39 -3.40 -44.17
CA ASN B 294 27.35 -4.37 -45.25
C ASN B 294 25.88 -4.73 -45.48
N TYR B 295 25.07 -4.57 -44.43
CA TYR B 295 23.64 -4.84 -44.45
C TYR B 295 22.91 -4.01 -43.38
N PRO B 296 23.27 -2.72 -43.19
CA PRO B 296 22.56 -1.93 -42.16
C PRO B 296 21.10 -1.73 -42.55
N SER B 297 20.59 -2.73 -43.28
CA SER B 297 19.22 -2.77 -43.74
C SER B 297 18.53 -3.78 -42.84
N PHE B 298 19.28 -4.28 -41.86
CA PHE B 298 18.79 -5.27 -40.92
C PHE B 298 18.61 -4.73 -39.49
N ASN B 299 19.29 -3.65 -39.15
CA ASN B 299 19.17 -3.10 -37.80
C ASN B 299 17.79 -2.57 -37.52
N ASP B 300 16.81 -3.26 -38.08
CA ASP B 300 15.41 -2.91 -37.91
C ASP B 300 14.91 -3.91 -36.89
N PHE B 301 15.60 -5.05 -36.78
CA PHE B 301 15.18 -6.05 -35.83
C PHE B 301 15.21 -5.41 -34.45
N LEU B 302 16.15 -4.49 -34.26
CA LEU B 302 16.28 -3.76 -33.00
C LEU B 302 15.27 -2.63 -32.86
N SER B 303 14.15 -2.75 -33.57
CA SER B 303 13.07 -1.77 -33.52
C SER B 303 11.82 -2.63 -33.55
N GLU B 304 11.73 -3.43 -34.61
CA GLU B 304 10.61 -4.34 -34.86
C GLU B 304 10.31 -5.22 -33.66
N LEU B 305 11.36 -5.88 -33.16
CA LEU B 305 11.24 -6.81 -32.04
C LEU B 305 11.14 -6.28 -30.62
N GLU B 306 10.83 -5.01 -30.40
CA GLU B 306 10.76 -4.60 -29.00
C GLU B 306 9.57 -5.22 -28.28
N PRO B 307 8.37 -5.23 -28.90
CA PRO B 307 7.18 -5.82 -28.30
C PRO B 307 7.45 -7.14 -27.54
N VAL B 308 8.55 -7.79 -27.90
CA VAL B 308 9.00 -9.04 -27.28
C VAL B 308 9.56 -8.69 -25.91
N LEU B 309 10.25 -7.56 -25.82
CA LEU B 309 10.78 -7.12 -24.53
C LEU B 309 9.57 -6.79 -23.64
N ASP B 310 8.49 -6.28 -24.23
CA ASP B 310 7.31 -5.93 -23.44
C ASP B 310 6.63 -7.12 -22.77
N VAL B 311 7.28 -8.29 -22.79
CA VAL B 311 6.71 -9.49 -22.18
C VAL B 311 7.76 -10.47 -21.69
N VAL B 312 8.98 -10.00 -21.47
CA VAL B 312 10.07 -10.85 -21.00
C VAL B 312 9.72 -11.76 -19.83
N LYS B 313 9.17 -11.18 -18.77
CA LYS B 313 8.82 -11.95 -17.59
C LYS B 313 7.41 -12.55 -17.58
N VAL B 314 6.63 -12.38 -18.65
CA VAL B 314 5.29 -12.95 -18.64
C VAL B 314 5.32 -14.47 -18.57
N SER B 315 4.68 -14.99 -17.54
CA SER B 315 4.56 -16.41 -17.29
C SER B 315 3.58 -16.83 -18.35
N ILE B 316 4.06 -17.18 -19.53
CA ILE B 316 3.14 -17.55 -20.58
C ILE B 316 2.38 -18.85 -20.29
N GLU B 317 2.98 -19.75 -19.51
CA GLU B 317 2.32 -21.01 -19.19
C GLU B 317 1.30 -20.82 -18.07
N GLN B 318 1.22 -19.63 -17.51
CA GLN B 318 0.24 -19.40 -16.45
C GLN B 318 -0.69 -18.28 -16.87
N LEU B 319 -0.43 -17.72 -18.05
CA LEU B 319 -1.31 -16.70 -18.59
C LEU B 319 -2.47 -17.56 -19.04
N VAL B 320 -2.10 -18.60 -19.80
CA VAL B 320 -3.04 -19.57 -20.30
C VAL B 320 -3.95 -20.00 -19.17
N ASN B 321 -3.37 -20.69 -18.20
CA ASN B 321 -4.12 -21.18 -17.07
C ASN B 321 -4.98 -20.17 -16.37
N ASP B 322 -4.55 -18.92 -16.35
CA ASP B 322 -5.41 -17.93 -15.72
C ASP B 322 -6.67 -17.82 -16.58
N CYS B 323 -6.51 -17.97 -17.91
CA CYS B 323 -7.65 -17.93 -18.83
C CYS B 323 -8.51 -19.18 -18.67
N LYS B 324 -7.87 -20.35 -18.53
CA LYS B 324 -8.62 -21.59 -18.34
C LYS B 324 -9.35 -21.44 -17.01
N ASP B 325 -8.88 -20.52 -16.19
CA ASP B 325 -9.48 -20.32 -14.90
C ASP B 325 -10.73 -19.44 -15.02
N PHE B 326 -10.60 -18.41 -15.85
CA PHE B 326 -11.65 -17.43 -16.13
C PHE B 326 -12.92 -18.13 -16.57
N SER B 327 -12.82 -18.70 -17.77
CA SER B 327 -13.90 -19.43 -18.38
C SER B 327 -14.42 -20.53 -17.48
N GLN B 328 -13.61 -21.54 -17.23
CA GLN B 328 -14.04 -22.66 -16.39
C GLN B 328 -14.63 -22.22 -15.05
N SER B 329 -14.36 -21.00 -14.62
CA SER B 329 -14.91 -20.51 -13.36
C SER B 329 -16.38 -20.17 -13.60
N ILE B 330 -16.64 -19.48 -14.70
CA ILE B 330 -17.99 -19.09 -15.10
C ILE B 330 -18.77 -20.37 -15.42
N VAL B 331 -18.16 -21.17 -16.29
CA VAL B 331 -18.69 -22.46 -16.73
C VAL B 331 -19.00 -23.28 -15.49
N ASN B 332 -18.87 -22.64 -14.33
CA ASN B 332 -19.11 -23.31 -13.08
C ASN B 332 -20.05 -22.58 -12.15
N VAL B 333 -20.29 -21.30 -12.40
CA VAL B 333 -21.26 -20.59 -11.57
C VAL B 333 -22.51 -21.03 -12.30
N GLU B 334 -22.29 -21.50 -13.53
CA GLU B 334 -23.36 -22.01 -14.40
C GLU B 334 -23.79 -23.31 -13.73
N ARG B 335 -22.99 -24.36 -13.94
CA ARG B 335 -23.28 -25.68 -13.37
C ARG B 335 -24.00 -25.56 -12.03
N SER B 336 -23.62 -24.59 -11.21
CA SER B 336 -24.26 -24.43 -9.90
C SER B 336 -25.67 -23.84 -9.91
N VAL B 337 -26.00 -22.98 -10.87
CA VAL B 337 -27.34 -22.39 -10.92
C VAL B 337 -28.41 -23.45 -11.16
N GLU B 338 -28.00 -24.51 -11.86
CA GLU B 338 -28.87 -25.62 -12.25
C GLU B 338 -28.80 -26.89 -11.41
N ILE B 339 -27.74 -27.68 -11.60
CA ILE B 339 -27.61 -28.96 -10.90
C ILE B 339 -27.16 -29.01 -9.44
N GLY B 340 -27.46 -27.99 -8.65
CA GLY B 340 -27.07 -28.03 -7.26
C GLY B 340 -26.57 -26.71 -6.70
N ASN B 341 -26.43 -26.63 -5.38
CA ASN B 341 -25.97 -25.41 -4.73
C ASN B 341 -26.88 -24.21 -4.94
N LEU B 342 -26.81 -23.60 -6.13
CA LEU B 342 -27.59 -22.40 -6.43
C LEU B 342 -28.90 -22.59 -7.21
N SER B 343 -29.68 -23.59 -6.81
CA SER B 343 -30.95 -23.87 -7.45
C SER B 343 -32.13 -23.71 -6.48
N ASP B 344 -32.24 -24.61 -5.52
CA ASP B 344 -33.32 -24.57 -4.53
C ASP B 344 -33.46 -23.26 -3.77
N SER B 345 -34.05 -22.24 -4.39
CA SER B 345 -34.26 -20.94 -3.76
C SER B 345 -34.78 -21.06 -2.33
N SER B 346 -34.97 -22.28 -1.87
CA SER B 346 -35.51 -22.57 -0.55
C SER B 346 -34.53 -22.28 0.58
N LYS B 347 -33.27 -22.70 0.42
CA LYS B 347 -32.22 -22.51 1.42
C LYS B 347 -31.66 -21.08 1.37
N PHE B 348 -31.88 -20.48 0.22
CA PHE B 348 -31.45 -19.12 0.13
C PHE B 348 -32.17 -18.30 1.23
N HIS B 349 -31.53 -18.08 2.36
CA HIS B 349 -32.10 -17.22 3.38
C HIS B 349 -32.99 -16.22 2.61
N PRO B 350 -34.31 -16.33 2.77
CA PRO B 350 -35.32 -15.49 2.14
C PRO B 350 -34.78 -14.33 1.28
N LEU B 351 -33.90 -13.51 1.88
CA LEU B 351 -33.37 -12.27 1.24
C LEU B 351 -32.21 -12.42 0.26
N ASP B 352 -31.43 -13.49 0.34
CA ASP B 352 -30.26 -13.64 -0.53
C ASP B 352 -30.55 -13.34 -2.01
N LYS B 353 -30.54 -12.04 -2.33
CA LYS B 353 -30.82 -11.56 -3.68
C LYS B 353 -29.70 -11.86 -4.67
N VAL B 354 -29.05 -13.02 -4.53
CA VAL B 354 -27.94 -13.36 -5.44
C VAL B 354 -28.40 -13.64 -6.87
N LEU B 355 -29.40 -14.51 -7.00
CA LEU B 355 -29.93 -14.89 -8.30
C LEU B 355 -30.48 -13.64 -9.02
N ILE B 356 -31.26 -12.84 -8.32
CA ILE B 356 -31.80 -11.61 -8.90
C ILE B 356 -30.64 -10.76 -9.46
N LYS B 357 -29.42 -11.13 -9.05
CA LYS B 357 -28.19 -10.42 -9.44
C LYS B 357 -27.20 -11.21 -10.31
N THR B 358 -27.17 -12.53 -10.16
CA THR B 358 -26.28 -13.38 -10.94
C THR B 358 -26.73 -13.42 -12.40
N LEU B 359 -27.83 -14.17 -12.62
CA LEU B 359 -28.48 -14.40 -13.92
C LEU B 359 -28.47 -13.20 -14.86
N PRO B 360 -28.78 -12.00 -14.34
CA PRO B 360 -28.77 -10.82 -15.19
C PRO B 360 -27.51 -10.79 -16.07
N VAL B 361 -26.40 -11.24 -15.51
CA VAL B 361 -25.13 -11.21 -16.24
C VAL B 361 -24.51 -12.55 -16.63
N LEU B 362 -24.93 -13.63 -15.99
CA LEU B 362 -24.42 -14.96 -16.29
C LEU B 362 -24.35 -15.24 -17.80
N PRO B 363 -25.31 -14.72 -18.59
CA PRO B 363 -25.34 -14.90 -20.04
C PRO B 363 -24.12 -14.39 -20.83
N GLU B 364 -24.00 -13.07 -20.94
CA GLU B 364 -22.89 -12.45 -21.68
C GLU B 364 -21.58 -12.88 -21.06
N ALA B 365 -21.55 -12.97 -19.74
CA ALA B 365 -20.32 -13.39 -19.07
C ALA B 365 -19.80 -14.60 -19.84
N ARG B 366 -20.50 -15.73 -19.70
CA ARG B 366 -20.08 -16.98 -20.35
C ARG B 366 -19.72 -16.84 -21.82
N LYS B 367 -20.35 -15.88 -22.49
CA LYS B 367 -20.07 -15.63 -23.90
C LYS B 367 -18.55 -15.40 -23.98
N LYS B 368 -18.10 -14.31 -23.37
CA LYS B 368 -16.68 -13.93 -23.35
C LYS B 368 -15.83 -15.00 -22.67
N GLY B 369 -16.49 -15.97 -22.06
CA GLY B 369 -15.78 -17.06 -21.41
C GLY B 369 -15.33 -18.00 -22.51
N ASP B 370 -16.19 -18.16 -23.50
CA ASP B 370 -15.91 -19.03 -24.64
C ASP B 370 -15.09 -18.23 -25.64
N LEU B 371 -15.13 -16.91 -25.50
CA LEU B 371 -14.39 -16.03 -26.39
C LEU B 371 -12.91 -16.25 -26.10
N LEU B 372 -12.50 -15.87 -24.89
CA LEU B 372 -11.12 -16.02 -24.48
C LEU B 372 -10.61 -17.39 -24.85
N GLU B 373 -11.38 -18.43 -24.50
CA GLU B 373 -10.97 -19.78 -24.86
C GLU B 373 -10.49 -19.72 -26.30
N ASP B 374 -11.42 -19.53 -27.22
CA ASP B 374 -11.09 -19.44 -28.65
C ASP B 374 -9.76 -18.74 -28.83
N GLU B 375 -9.71 -17.47 -28.43
CA GLU B 375 -8.51 -16.66 -28.53
C GLU B 375 -7.25 -17.41 -28.05
N VAL B 376 -7.29 -17.95 -26.83
CA VAL B 376 -6.15 -18.71 -26.30
C VAL B 376 -5.85 -19.93 -27.16
N LYS B 377 -6.89 -20.55 -27.73
CA LYS B 377 -6.66 -21.67 -28.62
C LYS B 377 -5.77 -21.05 -29.69
N LEU B 378 -6.40 -20.17 -30.47
CA LEU B 378 -5.82 -19.42 -31.58
C LEU B 378 -4.40 -18.93 -31.32
N THR B 379 -4.13 -18.57 -30.07
CA THR B 379 -2.83 -18.05 -29.71
C THR B 379 -1.81 -19.14 -29.37
N ILE B 380 -2.02 -19.89 -28.28
CA ILE B 380 -1.09 -20.97 -27.90
C ILE B 380 -0.56 -21.71 -29.12
N MET B 381 -1.45 -22.46 -29.77
CA MET B 381 -1.10 -23.23 -30.95
C MET B 381 -0.14 -22.37 -31.80
N GLU B 382 -0.53 -21.13 -32.13
CA GLU B 382 0.34 -20.22 -32.92
C GLU B 382 1.74 -20.15 -32.29
N PHE B 383 1.77 -19.71 -31.03
CA PHE B 383 3.00 -19.59 -30.24
C PHE B 383 3.88 -20.82 -30.31
N GLU B 384 3.32 -21.96 -29.90
CA GLU B 384 4.07 -23.22 -29.91
C GLU B 384 4.71 -23.44 -31.28
N SER B 385 4.06 -22.93 -32.32
CA SER B 385 4.57 -23.06 -33.69
C SER B 385 5.88 -22.29 -33.93
N LEU B 386 5.89 -21.01 -33.58
CA LEU B 386 7.08 -20.17 -33.73
C LEU B 386 8.25 -20.79 -32.97
N MET B 387 7.92 -21.40 -31.84
CA MET B 387 8.90 -22.04 -30.99
C MET B 387 9.44 -23.27 -31.70
N HIS B 388 8.54 -24.17 -32.10
CA HIS B 388 8.92 -25.39 -32.81
C HIS B 388 9.98 -25.02 -33.85
N THR B 389 9.81 -23.85 -34.45
CA THR B 389 10.71 -23.29 -35.47
C THR B 389 12.17 -23.33 -35.06
N TYR B 390 12.56 -22.40 -34.19
CA TYR B 390 13.94 -22.34 -33.73
C TYR B 390 14.39 -23.61 -33.03
N GLY B 391 13.48 -24.57 -32.89
CA GLY B 391 13.81 -25.82 -32.25
C GLY B 391 13.33 -26.03 -30.82
N GLU B 392 12.61 -25.07 -30.25
CA GLU B 392 12.12 -25.24 -28.88
C GLU B 392 10.93 -26.17 -28.92
N ASP B 393 10.93 -27.19 -28.08
CA ASP B 393 9.80 -28.10 -28.08
C ASP B 393 8.66 -27.52 -27.26
N SER B 394 7.56 -27.22 -27.94
CA SER B 394 6.38 -26.67 -27.29
C SER B 394 6.10 -27.43 -26.00
N GLY B 395 6.70 -28.62 -25.90
CA GLY B 395 6.53 -29.47 -24.72
C GLY B 395 7.78 -29.68 -23.89
N ASP B 396 8.22 -28.61 -23.22
CA ASP B 396 9.39 -28.60 -22.34
C ASP B 396 9.27 -27.37 -21.46
N LYS B 397 8.58 -27.49 -20.32
CA LYS B 397 8.35 -26.36 -19.40
C LYS B 397 9.28 -25.19 -19.68
N PHE B 398 10.58 -25.47 -19.66
CA PHE B 398 11.61 -24.46 -19.87
C PHE B 398 11.52 -23.57 -21.11
N ALA B 399 11.95 -24.05 -22.27
CA ALA B 399 11.86 -23.22 -23.48
C ALA B 399 10.47 -22.61 -23.53
N LYS B 400 9.43 -23.41 -23.25
CA LYS B 400 8.05 -22.93 -23.24
C LYS B 400 7.98 -21.47 -22.77
N ILE B 401 8.78 -21.12 -21.77
CA ILE B 401 8.79 -19.75 -21.26
C ILE B 401 10.13 -19.06 -21.38
N SER B 402 11.20 -19.72 -20.93
CA SER B 402 12.54 -19.12 -21.00
C SER B 402 12.88 -18.71 -22.45
N PHE B 403 11.91 -18.89 -23.35
CA PHE B 403 12.01 -18.58 -24.77
C PHE B 403 12.34 -17.12 -25.02
N PHE B 404 11.33 -16.26 -24.82
CA PHE B 404 11.48 -14.85 -25.02
C PHE B 404 12.81 -14.34 -24.45
N LYS B 405 13.00 -14.47 -23.14
CA LYS B 405 14.24 -14.01 -22.51
C LYS B 405 15.51 -14.11 -23.36
N LYS B 406 15.72 -15.22 -24.06
CA LYS B 406 16.92 -15.34 -24.90
C LYS B 406 16.88 -14.36 -26.08
N PHE B 407 15.69 -14.04 -26.59
CA PHE B 407 15.56 -13.10 -27.69
C PHE B 407 15.83 -11.74 -27.10
N ALA B 408 15.24 -11.50 -25.93
CA ALA B 408 15.42 -10.25 -25.21
C ALA B 408 16.90 -10.10 -24.93
N ASP B 409 17.42 -11.03 -24.15
CA ASP B 409 18.83 -11.06 -23.78
C ASP B 409 19.72 -10.73 -24.97
N PHE B 410 19.52 -11.47 -26.06
CA PHE B 410 20.31 -11.26 -27.27
C PHE B 410 20.19 -9.81 -27.67
N ILE B 411 18.98 -9.37 -28.00
CA ILE B 411 18.76 -7.99 -28.36
C ILE B 411 19.62 -7.01 -27.56
N ASN B 412 19.39 -6.91 -26.26
CA ASN B 412 20.13 -5.97 -25.42
C ASN B 412 21.63 -6.19 -25.38
N GLU B 413 22.06 -7.45 -25.37
CA GLU B 413 23.48 -7.74 -25.40
C GLU B 413 23.99 -7.04 -26.66
N TYR B 414 23.12 -7.04 -27.68
CA TYR B 414 23.34 -6.46 -29.00
C TYR B 414 23.17 -4.93 -28.98
N LYS B 415 22.03 -4.46 -28.48
CA LYS B 415 21.78 -3.04 -28.39
C LYS B 415 22.92 -2.44 -27.57
N LYS B 416 23.66 -3.27 -26.85
CA LYS B 416 24.80 -2.81 -26.05
C LYS B 416 26.05 -2.84 -26.91
N ALA B 417 26.25 -3.94 -27.63
CA ALA B 417 27.43 -4.06 -28.51
C ALA B 417 27.33 -2.94 -29.52
N GLN B 418 26.12 -2.64 -29.96
CA GLN B 418 25.90 -1.56 -30.90
C GLN B 418 26.51 -0.29 -30.31
N ALA B 419 25.99 0.15 -29.18
CA ALA B 419 26.49 1.33 -28.50
C ALA B 419 28.01 1.31 -28.48
N GLN B 420 28.58 0.43 -27.67
CA GLN B 420 30.04 0.27 -27.56
C GLN B 420 30.71 0.49 -28.90
N ASN B 421 30.16 -0.14 -29.92
CA ASN B 421 30.74 0.01 -31.24
C ASN B 421 30.50 1.42 -31.79
N LEU B 422 29.26 1.92 -31.77
CA LEU B 422 28.98 3.27 -32.30
C LEU B 422 29.68 4.41 -31.57
N ALA B 423 30.09 4.17 -30.33
CA ALA B 423 30.80 5.17 -29.55
C ALA B 423 32.30 4.97 -29.75
N ALA B 424 32.74 3.72 -29.63
CA ALA B 424 34.15 3.40 -29.82
C ALA B 424 34.60 3.94 -31.17
N GLU B 425 33.67 3.93 -32.13
CA GLU B 425 33.92 4.42 -33.48
C GLU B 425 33.95 5.93 -33.54
N GLU B 426 33.61 6.58 -32.43
CA GLU B 426 33.64 8.04 -32.37
C GLU B 426 35.06 8.38 -31.94
N GLU B 427 35.50 7.75 -30.84
CA GLU B 427 36.85 7.96 -30.33
C GLU B 427 37.84 7.65 -31.45
N GLU B 428 37.46 6.76 -32.37
CA GLU B 428 38.36 6.43 -33.47
C GLU B 428 38.08 7.42 -34.60
N ARG B 429 38.16 8.70 -34.26
CA ARG B 429 37.93 9.79 -35.20
C ARG B 429 38.72 11.01 -34.74
N LEU B 430 38.66 11.28 -33.44
CA LEU B 430 39.38 12.39 -32.86
C LEU B 430 40.87 12.02 -32.69
N TYR B 431 41.15 10.86 -32.11
CA TYR B 431 42.54 10.43 -31.98
C TYR B 431 43.03 10.15 -33.40
N ILE B 432 42.15 10.46 -34.36
CA ILE B 432 42.38 10.28 -35.81
C ILE B 432 42.60 11.65 -36.46
N LYS B 433 41.88 12.66 -35.96
CA LYS B 433 41.93 14.02 -36.47
C LYS B 433 42.95 14.91 -35.73
N HIS B 434 42.96 14.84 -34.40
CA HIS B 434 43.87 15.62 -33.55
C HIS B 434 45.23 14.93 -33.41
CA CA C . 2.18 10.36 7.99
PG ATP D . 5.16 11.74 6.92
O1G ATP D . 5.51 10.32 7.09
O2G ATP D . 5.28 12.58 8.27
O3G ATP D . 6.09 12.49 5.84
PB ATP D . 3.02 13.43 6.34
O1B ATP D . 1.82 13.49 7.20
O2B ATP D . 4.13 14.37 6.63
O3B ATP D . 3.65 11.95 6.42
PA ATP D . 1.29 13.19 3.99
O1A ATP D . 1.12 11.72 4.06
O2A ATP D . 0.17 14.04 4.40
O3A ATP D . 2.63 13.62 4.77
O5' ATP D . 1.75 13.59 2.50
C5' ATP D . 1.79 14.96 2.11
C4' ATP D . 2.89 15.27 1.10
O4' ATP D . 2.82 14.48 -0.09
C3' ATP D . 2.76 16.73 0.67
O3' ATP D . 3.60 17.55 1.49
C2' ATP D . 3.31 16.67 -0.75
O2' ATP D . 4.73 16.53 -0.74
C1' ATP D . 2.66 15.38 -1.21
N9 ATP D . 1.21 15.52 -1.49
C8 ATP D . 0.31 16.05 -0.67
N7 ATP D . -0.89 15.97 -1.26
C5 ATP D . -0.75 15.40 -2.44
C6 ATP D . -1.73 15.05 -3.53
N6 ATP D . -3.00 15.33 -3.40
N1 ATP D . -1.19 14.45 -4.64
C2 ATP D . 0.25 14.18 -4.70
N3 ATP D . 1.06 14.52 -3.71
C4 ATP D . 0.61 15.11 -2.60
#